data_6GHM
#
_entry.id   6GHM
#
_cell.length_a   46.840
_cell.length_b   81.624
_cell.length_c   87.966
_cell.angle_alpha   91.06
_cell.angle_beta   91.84
_cell.angle_gamma   103.89
#
_symmetry.space_group_name_H-M   'P 1'
#
loop_
_entity.id
_entity.type
_entity.pdbx_description
1 polymer 'Serine/threonine-protein phosphatase PP1-alpha catalytic subunit'
2 polymer 'Apoptosis-stimulating of p53 protein 2'
3 non-polymer 1,2-ETHANEDIOL
4 non-polymer GLYCEROL
5 non-polymer '2-[N-CYCLOHEXYLAMINO]ETHANE SULFONIC ACID'
6 non-polymer 'MANGANESE (II) ION'
7 water water
#
loop_
_entity_poly.entity_id
_entity_poly.type
_entity_poly.pdbx_seq_one_letter_code
_entity_poly.pdbx_strand_id
1 'polypeptide(L)'
;GHMGSLNLDSIIGRLLEVQGSRPGKNVQLTENEIRGLCLKSREIFLSQPILLELEAPLKICGDIHGQYYDLLRLFEYGGF
PPESNYLFLGDYVDRGKQSLETICLLLAYKIKYPENFFLLRGNHECASINRIYGFYDECKRRYNIKLWKTFTDCFNCLPI
AAIVDEKIFCCHGGLSPDLQSMEQIRRIMRPTDVPDQGLLCDLLWSDPDKDVQGWGENDRGVSFTFGAEVVAKFLHKHDL
DLICRAHQVVEDGYEFFAKRQLVTLFSAPNYCGEFDNAGAMMSVDETLMCSFQILKPADKNKGKYGQFSGLNPGGRPITP
PRNSAKAKK
;
A,B
2 'polypeptide(L)'
;GPLGSMRVKFNPLALLLDSSLEGEFDLVQRIIYEVDDPSLPNDEGITALHNAVCAGHTEIVKFLVQFGVNVNAADSDGWT
PLHCAASCNNVQVCKFLVESGAAVFAMTYSDMQTAADKCEEMEEGYTQCSQFLYGVQEKMGIMNKGVIYALWDYEPQNDD
ELPMKEGDCMTIIHREDEDEIEWWWARLNDKEGYVPRNLLGLYPRIKPRQRSLA
;
C,D
#
# COMPACT_ATOMS: atom_id res chain seq x y z
N LEU A 6 -47.68 -23.10 -43.53
CA LEU A 6 -46.53 -22.44 -42.92
C LEU A 6 -45.28 -23.32 -42.95
N ASN A 7 -44.32 -22.95 -43.80
CA ASN A 7 -43.10 -23.72 -43.97
C ASN A 7 -41.93 -23.03 -43.28
N LEU A 8 -41.53 -23.56 -42.12
CA LEU A 8 -40.53 -22.89 -41.30
C LEU A 8 -39.16 -22.94 -41.93
N ASP A 9 -38.80 -24.05 -42.58
CA ASP A 9 -37.50 -24.14 -43.23
C ASP A 9 -37.36 -23.09 -44.32
N SER A 10 -38.42 -22.90 -45.11
CA SER A 10 -38.42 -21.86 -46.13
C SER A 10 -38.23 -20.48 -45.50
N ILE A 11 -39.01 -20.20 -44.45
CA ILE A 11 -38.96 -18.90 -43.77
C ILE A 11 -37.57 -18.62 -43.23
N ILE A 12 -37.03 -19.57 -42.45
CA ILE A 12 -35.72 -19.40 -41.85
C ILE A 12 -34.66 -19.24 -42.94
N GLY A 13 -34.79 -20.02 -44.01
CA GLY A 13 -33.86 -19.88 -45.12
C GLY A 13 -33.84 -18.48 -45.71
N ARG A 14 -35.03 -17.92 -45.94
CA ARG A 14 -35.06 -16.56 -46.48
C ARG A 14 -34.53 -15.54 -45.47
N LEU A 15 -34.76 -15.77 -44.17
CA LEU A 15 -34.22 -14.87 -43.15
C LEU A 15 -32.71 -15.01 -43.03
N LEU A 16 -32.18 -16.23 -43.15
CA LEU A 16 -30.74 -16.44 -43.04
C LEU A 16 -29.98 -16.07 -44.30
N GLU A 17 -30.68 -15.77 -45.41
CA GLU A 17 -29.99 -15.57 -46.67
C GLU A 17 -29.19 -14.27 -46.71
N VAL A 18 -29.43 -13.36 -45.77
CA VAL A 18 -28.70 -12.11 -45.68
C VAL A 18 -27.35 -12.30 -45.00
N GLN A 19 -26.99 -13.54 -44.70
CA GLN A 19 -25.70 -13.84 -44.09
C GLN A 19 -24.56 -13.51 -45.06
N LYS A 25 -29.91 -5.55 -44.96
CA LYS A 25 -30.71 -5.97 -46.11
C LYS A 25 -32.03 -6.58 -45.64
N ASN A 26 -33.14 -6.09 -46.21
CA ASN A 26 -34.47 -6.51 -45.81
C ASN A 26 -34.77 -7.92 -46.31
N VAL A 27 -35.53 -8.66 -45.50
CA VAL A 27 -36.07 -9.96 -45.90
C VAL A 27 -37.57 -9.83 -46.05
N GLN A 28 -38.09 -10.24 -47.21
CA GLN A 28 -39.50 -10.08 -47.52
C GLN A 28 -40.20 -11.40 -47.25
N LEU A 29 -40.71 -11.54 -46.02
CA LEU A 29 -41.70 -12.55 -45.70
C LEU A 29 -43.07 -12.00 -45.99
N THR A 30 -44.03 -12.87 -46.25
CA THR A 30 -45.37 -12.37 -46.49
C THR A 30 -46.06 -12.06 -45.16
N GLU A 31 -47.03 -11.16 -45.23
CA GLU A 31 -47.80 -10.81 -44.04
C GLU A 31 -48.39 -12.05 -43.37
N ASN A 32 -48.93 -12.98 -44.17
CA ASN A 32 -49.53 -14.17 -43.58
C ASN A 32 -48.48 -15.08 -42.96
N GLU A 33 -47.29 -15.16 -43.54
CA GLU A 33 -46.20 -15.90 -42.91
C GLU A 33 -45.89 -15.33 -41.53
N ILE A 34 -45.69 -14.01 -41.46
CA ILE A 34 -45.39 -13.36 -40.19
C ILE A 34 -46.54 -13.57 -39.21
N ARG A 35 -47.78 -13.43 -39.70
CA ARG A 35 -48.94 -13.72 -38.87
C ARG A 35 -48.88 -15.15 -38.34
N GLY A 36 -48.54 -16.11 -39.21
CA GLY A 36 -48.48 -17.49 -38.77
C GLY A 36 -47.41 -17.72 -37.72
N LEU A 37 -46.26 -17.07 -37.86
CA LEU A 37 -45.22 -17.11 -36.83
C LEU A 37 -45.78 -16.67 -35.49
N CYS A 38 -46.46 -15.52 -35.45
CA CYS A 38 -47.03 -15.04 -34.20
C CYS A 38 -48.06 -16.04 -33.65
N LEU A 39 -48.90 -16.59 -34.53
CA LEU A 39 -50.02 -17.41 -34.07
C LEU A 39 -49.53 -18.75 -33.53
N LYS A 40 -48.59 -19.40 -34.23
CA LYS A 40 -48.08 -20.68 -33.76
C LYS A 40 -47.22 -20.52 -32.51
N SER A 41 -46.37 -19.49 -32.46
CA SER A 41 -45.53 -19.31 -31.30
C SER A 41 -46.38 -18.96 -30.07
N ARG A 42 -47.42 -18.15 -30.26
CA ARG A 42 -48.29 -17.78 -29.15
C ARG A 42 -48.86 -19.01 -28.46
N GLU A 43 -49.34 -19.99 -29.23
CA GLU A 43 -49.89 -21.21 -28.62
C GLU A 43 -48.82 -21.98 -27.86
N ILE A 44 -47.58 -21.97 -28.35
CA ILE A 44 -46.51 -22.65 -27.63
C ILE A 44 -46.19 -21.92 -26.34
N PHE A 45 -46.14 -20.59 -26.38
CA PHE A 45 -45.89 -19.82 -25.16
C PHE A 45 -46.93 -20.15 -24.09
N LEU A 46 -48.20 -20.22 -24.49
CA LEU A 46 -49.25 -20.54 -23.52
C LEU A 46 -49.19 -21.99 -23.06
N SER A 47 -48.68 -22.91 -23.89
CA SER A 47 -48.56 -24.29 -23.45
C SER A 47 -47.39 -24.53 -22.50
N GLN A 48 -46.48 -23.57 -22.35
CA GLN A 48 -45.41 -23.70 -21.38
C GLN A 48 -45.64 -22.75 -20.20
N PRO A 49 -44.99 -22.98 -19.07
CA PRO A 49 -45.23 -22.12 -17.91
C PRO A 49 -44.71 -20.71 -18.12
N ILE A 50 -45.34 -19.77 -17.42
CA ILE A 50 -44.86 -18.39 -17.45
C ILE A 50 -43.57 -18.24 -16.67
N LEU A 51 -43.29 -19.15 -15.75
CA LEU A 51 -42.01 -19.22 -15.05
C LEU A 51 -41.30 -20.48 -15.55
N LEU A 52 -40.36 -20.30 -16.49
CA LEU A 52 -39.71 -21.44 -17.12
C LEU A 52 -38.75 -22.12 -16.16
N GLU A 53 -38.71 -23.45 -16.22
CA GLU A 53 -37.74 -24.25 -15.46
C GLU A 53 -36.84 -24.97 -16.45
N LEU A 54 -35.61 -24.49 -16.59
CA LEU A 54 -34.71 -24.99 -17.63
C LEU A 54 -33.51 -25.70 -17.03
N GLU A 55 -32.78 -26.39 -17.90
CA GLU A 55 -31.57 -27.09 -17.50
C GLU A 55 -30.42 -26.66 -18.38
N ALA A 56 -29.24 -26.53 -17.80
CA ALA A 56 -28.04 -26.32 -18.58
C ALA A 56 -27.67 -27.64 -19.26
N PRO A 57 -26.91 -27.60 -20.37
CA PRO A 57 -26.26 -26.43 -21.00
C PRO A 57 -27.18 -25.51 -21.79
N LEU A 58 -26.87 -24.23 -21.78
CA LEU A 58 -27.61 -23.28 -22.61
C LEU A 58 -26.82 -21.98 -22.69
N LYS A 59 -27.10 -21.20 -23.72
CA LYS A 59 -26.57 -19.86 -23.88
C LYS A 59 -27.66 -18.87 -23.53
N ILE A 60 -27.29 -17.83 -22.79
CA ILE A 60 -28.23 -16.79 -22.37
C ILE A 60 -27.80 -15.47 -23.00
N CYS A 61 -28.77 -14.77 -23.61
CA CYS A 61 -28.53 -13.54 -24.34
C CYS A 61 -29.42 -12.43 -23.81
N GLY A 62 -28.89 -11.20 -23.85
CA GLY A 62 -29.63 -10.01 -23.47
C GLY A 62 -30.20 -9.26 -24.67
N ASP A 63 -30.36 -7.95 -24.48
CA ASP A 63 -31.10 -7.14 -25.46
C ASP A 63 -30.52 -7.27 -26.87
N ILE A 64 -31.41 -7.31 -27.86
CA ILE A 64 -31.04 -7.29 -29.26
C ILE A 64 -31.49 -6.00 -29.93
N HIS A 65 -32.69 -5.53 -29.60
CA HIS A 65 -33.29 -4.30 -30.11
C HIS A 65 -33.13 -4.16 -31.63
N GLY A 66 -33.62 -5.18 -32.34
CA GLY A 66 -33.70 -5.13 -33.79
C GLY A 66 -32.38 -5.05 -34.52
N GLN A 67 -31.26 -5.30 -33.85
CA GLN A 67 -29.95 -5.33 -34.51
C GLN A 67 -29.77 -6.73 -35.08
N TYR A 68 -30.44 -6.96 -36.21
CA TYR A 68 -30.56 -8.31 -36.77
C TYR A 68 -29.20 -8.90 -37.12
N TYR A 69 -28.30 -8.10 -37.69
CA TYR A 69 -27.03 -8.67 -38.12
C TYR A 69 -26.19 -9.10 -36.92
N ASP A 70 -26.38 -8.46 -35.77
CA ASP A 70 -25.71 -8.90 -34.56
C ASP A 70 -26.34 -10.17 -33.98
N LEU A 71 -27.65 -10.36 -34.16
CA LEU A 71 -28.24 -11.64 -33.77
C LEU A 71 -27.64 -12.78 -34.58
N LEU A 72 -27.40 -12.57 -35.88
CA LEU A 72 -26.75 -13.60 -36.67
C LEU A 72 -25.34 -13.88 -36.16
N ARG A 73 -24.62 -12.83 -35.77
CA ARG A 73 -23.29 -13.01 -35.18
C ARG A 73 -23.37 -13.83 -33.91
N LEU A 74 -24.37 -13.56 -33.07
CA LEU A 74 -24.54 -14.35 -31.86
C LEU A 74 -24.66 -15.83 -32.17
N PHE A 75 -25.48 -16.17 -33.18
CA PHE A 75 -25.69 -17.56 -33.53
C PHE A 75 -24.46 -18.16 -34.21
N GLU A 76 -23.73 -17.37 -35.00
CA GLU A 76 -22.49 -17.88 -35.58
C GLU A 76 -21.49 -18.22 -34.49
N TYR A 77 -21.38 -17.36 -33.48
CA TYR A 77 -20.47 -17.59 -32.37
C TYR A 77 -20.96 -18.74 -31.49
N GLY A 78 -22.24 -18.77 -31.16
CA GLY A 78 -22.71 -19.71 -30.18
C GLY A 78 -23.18 -21.03 -30.77
N GLY A 79 -23.44 -21.04 -32.08
CA GLY A 79 -24.01 -22.20 -32.74
C GLY A 79 -25.49 -22.01 -33.04
N PHE A 80 -25.86 -22.12 -34.31
CA PHE A 80 -27.26 -21.94 -34.68
C PHE A 80 -28.12 -23.02 -34.05
N PRO A 81 -29.33 -22.69 -33.61
CA PRO A 81 -30.28 -23.72 -33.13
C PRO A 81 -30.44 -24.81 -34.17
N PRO A 82 -30.46 -26.08 -33.76
CA PRO A 82 -30.48 -26.49 -32.35
C PRO A 82 -29.11 -26.91 -31.80
N GLU A 83 -28.02 -26.57 -32.49
CA GLU A 83 -26.70 -26.98 -32.01
CA GLU A 83 -26.70 -26.98 -32.01
C GLU A 83 -26.48 -26.60 -30.55
N SER A 84 -27.01 -25.45 -30.13
CA SER A 84 -26.99 -25.03 -28.73
C SER A 84 -28.40 -24.69 -28.27
N ASN A 85 -28.63 -24.82 -26.97
CA ASN A 85 -29.86 -24.33 -26.35
C ASN A 85 -29.71 -22.84 -26.02
N TYR A 86 -30.80 -22.09 -26.17
CA TYR A 86 -30.78 -20.64 -26.01
C TYR A 86 -31.91 -20.18 -25.10
N LEU A 87 -31.59 -19.18 -24.27
CA LEU A 87 -32.57 -18.40 -23.54
C LEU A 87 -32.29 -16.94 -23.81
N PHE A 88 -33.23 -16.23 -24.41
CA PHE A 88 -33.14 -14.79 -24.63
C PHE A 88 -33.97 -14.09 -23.56
N LEU A 89 -33.43 -12.97 -23.05
CA LEU A 89 -34.03 -12.29 -21.92
C LEU A 89 -34.89 -11.09 -22.31
N GLY A 90 -35.18 -10.91 -23.60
CA GLY A 90 -36.16 -9.92 -24.01
C GLY A 90 -35.54 -8.75 -24.76
N ASP A 91 -36.41 -7.77 -25.05
CA ASP A 91 -36.07 -6.57 -25.81
C ASP A 91 -35.52 -6.93 -27.20
N TYR A 92 -36.37 -7.60 -27.97
CA TYR A 92 -36.03 -7.97 -29.34
C TYR A 92 -36.32 -6.87 -30.34
N VAL A 93 -37.29 -6.00 -30.02
CA VAL A 93 -37.81 -5.03 -30.98
C VAL A 93 -37.49 -3.62 -30.48
N ASP A 94 -37.77 -2.64 -31.34
CA ASP A 94 -37.57 -1.20 -31.10
C ASP A 94 -36.12 -0.78 -31.26
N ARG A 95 -35.95 0.51 -31.59
CA ARG A 95 -34.67 1.21 -31.69
C ARG A 95 -33.90 0.82 -32.95
N GLY A 96 -33.61 -0.46 -33.12
CA GLY A 96 -32.86 -0.90 -34.28
C GLY A 96 -33.68 -0.85 -35.56
N LYS A 97 -32.99 -1.09 -36.68
CA LYS A 97 -33.62 -0.94 -37.98
C LYS A 97 -34.37 -2.18 -38.44
N GLN A 98 -34.05 -3.36 -37.89
CA GLN A 98 -34.59 -4.62 -38.40
C GLN A 98 -35.21 -5.45 -37.27
N SER A 99 -36.15 -4.82 -36.54
CA SER A 99 -36.89 -5.52 -35.51
C SER A 99 -37.72 -6.66 -36.09
N LEU A 100 -38.22 -6.49 -37.31
CA LEU A 100 -39.10 -7.51 -37.88
C LEU A 100 -38.33 -8.79 -38.17
N GLU A 101 -37.15 -8.67 -38.80
CA GLU A 101 -36.33 -9.84 -39.07
C GLU A 101 -35.90 -10.51 -37.78
N THR A 102 -35.54 -9.70 -36.78
CA THR A 102 -35.08 -10.22 -35.49
C THR A 102 -36.15 -11.10 -34.83
N ILE A 103 -37.35 -10.54 -34.61
CA ILE A 103 -38.38 -11.30 -33.91
C ILE A 103 -38.89 -12.46 -34.76
N CYS A 104 -38.93 -12.30 -36.08
CA CYS A 104 -39.41 -13.39 -36.93
C CYS A 104 -38.50 -14.60 -36.86
N LEU A 105 -37.19 -14.37 -36.81
CA LEU A 105 -36.29 -15.51 -36.74
C LEU A 105 -36.34 -16.15 -35.37
N LEU A 106 -36.45 -15.34 -34.31
CA LEU A 106 -36.57 -15.90 -32.97
C LEU A 106 -37.85 -16.69 -32.81
N LEU A 107 -38.96 -16.18 -33.35
CA LEU A 107 -40.22 -16.91 -33.27
C LEU A 107 -40.16 -18.18 -34.10
N ALA A 108 -39.51 -18.12 -35.27
CA ALA A 108 -39.37 -19.32 -36.09
C ALA A 108 -38.59 -20.39 -35.36
N TYR A 109 -37.48 -20.01 -34.70
CA TYR A 109 -36.71 -20.98 -33.93
C TYR A 109 -37.50 -21.54 -32.75
N LYS A 110 -38.29 -20.68 -32.10
CA LYS A 110 -39.12 -21.14 -31.00
C LYS A 110 -40.11 -22.21 -31.45
N ILE A 111 -40.72 -22.03 -32.62
CA ILE A 111 -41.64 -23.03 -33.14
C ILE A 111 -40.91 -24.32 -33.53
N LYS A 112 -39.71 -24.19 -34.13
CA LYS A 112 -38.93 -25.37 -34.55
C LYS A 112 -38.48 -26.19 -33.35
N TYR A 113 -37.98 -25.53 -32.30
CA TYR A 113 -37.33 -26.18 -31.17
C TYR A 113 -37.91 -25.64 -29.87
N PRO A 114 -39.19 -25.89 -29.63
CA PRO A 114 -39.85 -25.30 -28.44
C PRO A 114 -39.29 -25.79 -27.12
N GLU A 115 -38.55 -26.90 -27.09
CA GLU A 115 -37.98 -27.41 -25.85
C GLU A 115 -36.51 -27.08 -25.70
N ASN A 116 -35.90 -26.44 -26.71
CA ASN A 116 -34.49 -26.08 -26.66
C ASN A 116 -34.26 -24.60 -26.95
N PHE A 117 -35.31 -23.82 -27.09
CA PHE A 117 -35.20 -22.42 -27.48
C PHE A 117 -36.24 -21.64 -26.70
N PHE A 118 -35.82 -20.57 -26.04
CA PHE A 118 -36.70 -19.90 -25.09
C PHE A 118 -36.52 -18.40 -25.16
N LEU A 119 -37.65 -17.70 -25.16
CA LEU A 119 -37.71 -16.25 -25.20
C LEU A 119 -38.42 -15.77 -23.96
N LEU A 120 -37.79 -14.86 -23.23
CA LEU A 120 -38.44 -14.14 -22.14
C LEU A 120 -38.94 -12.80 -22.63
N ARG A 121 -39.96 -12.29 -21.95
CA ARG A 121 -40.53 -10.99 -22.25
C ARG A 121 -39.67 -9.89 -21.66
N GLY A 122 -39.31 -8.91 -22.48
CA GLY A 122 -38.70 -7.69 -22.01
C GLY A 122 -39.71 -6.55 -22.00
N ASN A 123 -39.31 -5.42 -21.40
CA ASN A 123 -40.26 -4.31 -21.31
C ASN A 123 -40.62 -3.73 -22.66
N HIS A 124 -39.90 -4.06 -23.72
CA HIS A 124 -40.28 -3.57 -25.04
C HIS A 124 -41.23 -4.53 -25.73
N GLU A 125 -41.45 -5.72 -25.19
CA GLU A 125 -42.49 -6.61 -25.71
C GLU A 125 -43.83 -6.22 -25.09
N CYS A 126 -44.23 -5.00 -25.41
CA CYS A 126 -45.34 -4.30 -24.74
C CYS A 126 -45.88 -3.25 -25.70
N ALA A 127 -47.20 -3.28 -25.93
CA ALA A 127 -47.78 -2.40 -26.95
C ALA A 127 -47.72 -0.93 -26.56
N SER A 128 -47.61 -0.63 -25.27
CA SER A 128 -47.44 0.76 -24.84
C SER A 128 -46.04 1.26 -25.14
N ILE A 129 -45.03 0.41 -25.00
CA ILE A 129 -43.65 0.85 -25.21
C ILE A 129 -43.27 0.80 -26.69
N ASN A 130 -43.55 -0.32 -27.36
CA ASN A 130 -43.16 -0.38 -28.77
C ASN A 130 -44.15 0.35 -29.66
N ARG A 131 -45.19 0.98 -29.10
CA ARG A 131 -45.95 1.95 -29.88
C ARG A 131 -45.10 3.16 -30.25
N ILE A 132 -44.16 3.55 -29.39
CA ILE A 132 -43.47 4.82 -29.56
C ILE A 132 -41.98 4.66 -29.82
N TYR A 133 -41.39 3.49 -29.58
CA TYR A 133 -39.95 3.35 -29.69
C TYR A 133 -39.51 2.63 -30.96
N GLY A 134 -40.39 2.48 -31.94
CA GLY A 134 -39.96 2.03 -33.25
C GLY A 134 -40.76 0.89 -33.87
N PHE A 135 -41.16 -0.12 -33.09
CA PHE A 135 -41.73 -1.31 -33.69
C PHE A 135 -43.07 -1.03 -34.35
N TYR A 136 -43.89 -0.18 -33.73
CA TYR A 136 -45.15 0.20 -34.34
C TYR A 136 -44.90 0.86 -35.70
N ASP A 137 -43.95 1.79 -35.75
CA ASP A 137 -43.62 2.45 -37.01
C ASP A 137 -43.12 1.45 -38.04
N GLU A 138 -42.24 0.52 -37.63
CA GLU A 138 -41.72 -0.45 -38.58
C GLU A 138 -42.85 -1.29 -39.15
N CYS A 139 -43.73 -1.82 -38.28
CA CYS A 139 -44.87 -2.58 -38.76
C CYS A 139 -45.72 -1.78 -39.73
N LYS A 140 -46.07 -0.54 -39.35
CA LYS A 140 -46.90 0.29 -40.22
C LYS A 140 -46.23 0.53 -41.57
N ARG A 141 -44.92 0.78 -41.57
CA ARG A 141 -44.21 1.14 -42.80
C ARG A 141 -44.12 -0.05 -43.75
N ARG A 142 -43.67 -1.20 -43.24
CA ARG A 142 -43.43 -2.38 -44.08
C ARG A 142 -44.67 -3.26 -44.25
N TYR A 143 -45.64 -3.19 -43.33
CA TYR A 143 -46.88 -3.93 -43.49
C TYR A 143 -48.08 -3.08 -43.10
N ASN A 144 -48.71 -3.36 -41.96
CA ASN A 144 -49.87 -2.58 -41.56
C ASN A 144 -50.02 -2.64 -40.04
N ILE A 145 -51.02 -1.92 -39.55
CA ILE A 145 -51.27 -1.85 -38.11
C ILE A 145 -51.78 -3.17 -37.59
N LYS A 146 -52.60 -3.86 -38.38
CA LYS A 146 -53.20 -5.09 -37.90
C LYS A 146 -52.15 -6.13 -37.55
N LEU A 147 -51.05 -6.17 -38.31
CA LEU A 147 -49.95 -7.07 -37.99
C LEU A 147 -49.31 -6.70 -36.66
N TRP A 148 -49.15 -5.41 -36.40
CA TRP A 148 -48.62 -4.95 -35.12
C TRP A 148 -49.51 -5.42 -33.96
N LYS A 149 -50.82 -5.45 -34.18
CA LYS A 149 -51.73 -5.93 -33.13
C LYS A 149 -51.60 -7.44 -32.93
N THR A 150 -51.28 -8.17 -33.99
CA THR A 150 -51.06 -9.61 -33.86
C THR A 150 -49.80 -9.90 -33.05
N PHE A 151 -48.74 -9.11 -33.27
CA PHE A 151 -47.54 -9.24 -32.45
C PHE A 151 -47.84 -8.99 -30.98
N THR A 152 -48.69 -7.98 -30.71
CA THR A 152 -49.06 -7.66 -29.34
C THR A 152 -49.73 -8.85 -28.66
N ASP A 153 -50.71 -9.44 -29.33
CA ASP A 153 -51.37 -10.64 -28.79
C ASP A 153 -50.34 -11.71 -28.48
N CYS A 154 -49.33 -11.85 -29.33
CA CYS A 154 -48.27 -12.83 -29.11
C CYS A 154 -47.32 -12.39 -28.00
N PHE A 155 -46.86 -11.13 -28.02
CA PHE A 155 -46.01 -10.62 -26.95
C PHE A 155 -46.71 -10.74 -25.60
N ASN A 156 -48.03 -10.61 -25.58
CA ASN A 156 -48.73 -10.65 -24.29
C ASN A 156 -48.70 -12.03 -23.65
N CYS A 157 -48.27 -13.06 -24.39
CA CYS A 157 -48.23 -14.42 -23.89
C CYS A 157 -46.83 -14.92 -23.57
N LEU A 158 -45.82 -14.05 -23.70
CA LEU A 158 -44.45 -14.45 -23.42
C LEU A 158 -44.28 -14.81 -21.94
N PRO A 159 -43.47 -15.82 -21.62
CA PRO A 159 -43.08 -16.02 -20.23
C PRO A 159 -42.21 -14.87 -19.76
N ILE A 160 -42.09 -14.71 -18.45
CA ILE A 160 -41.47 -13.52 -17.89
C ILE A 160 -40.25 -13.82 -17.03
N ALA A 161 -39.98 -15.07 -16.70
CA ALA A 161 -38.83 -15.39 -15.89
C ALA A 161 -38.48 -16.85 -16.11
N ALA A 162 -37.26 -17.21 -15.73
CA ALA A 162 -36.81 -18.58 -15.90
C ALA A 162 -35.84 -18.90 -14.78
N ILE A 163 -35.81 -20.16 -14.36
CA ILE A 163 -34.85 -20.63 -13.39
C ILE A 163 -34.09 -21.79 -14.00
N VAL A 164 -32.76 -21.68 -14.03
CA VAL A 164 -31.89 -22.70 -14.61
C VAL A 164 -31.33 -23.55 -13.47
N ASP A 165 -31.68 -24.85 -13.49
CA ASP A 165 -31.19 -25.83 -12.52
C ASP A 165 -31.34 -25.34 -11.08
N GLU A 166 -32.45 -24.63 -10.82
CA GLU A 166 -32.80 -24.13 -9.48
C GLU A 166 -31.70 -23.27 -8.88
N LYS A 167 -30.85 -22.66 -9.73
CA LYS A 167 -29.70 -21.92 -9.22
C LYS A 167 -29.58 -20.54 -9.85
N ILE A 168 -30.05 -20.37 -11.07
CA ILE A 168 -29.93 -19.09 -11.78
C ILE A 168 -31.32 -18.57 -12.04
N PHE A 169 -31.66 -17.45 -11.41
CA PHE A 169 -32.91 -16.76 -11.68
C PHE A 169 -32.71 -15.78 -12.83
N CYS A 170 -33.50 -15.91 -13.90
CA CYS A 170 -33.36 -15.06 -15.08
C CYS A 170 -34.65 -14.28 -15.30
N CYS A 171 -34.50 -13.00 -15.61
CA CYS A 171 -35.61 -12.15 -16.01
C CYS A 171 -35.02 -10.95 -16.73
N HIS A 172 -35.87 -10.19 -17.43
CA HIS A 172 -35.36 -9.08 -18.21
C HIS A 172 -34.84 -7.96 -17.31
N GLY A 173 -35.68 -7.50 -16.38
CA GLY A 173 -35.35 -6.35 -15.55
C GLY A 173 -34.65 -6.70 -14.27
N GLY A 174 -35.42 -7.09 -13.24
CA GLY A 174 -34.82 -7.44 -11.97
C GLY A 174 -35.81 -7.78 -10.87
N LEU A 175 -35.43 -7.52 -9.63
CA LEU A 175 -36.23 -7.95 -8.50
C LEU A 175 -37.41 -7.00 -8.26
N SER A 176 -38.32 -7.44 -7.39
CA SER A 176 -39.59 -6.79 -7.10
C SER A 176 -39.88 -6.80 -5.60
N PRO A 177 -40.37 -5.69 -5.04
CA PRO A 177 -40.86 -5.74 -3.65
C PRO A 177 -42.02 -6.71 -3.51
N ASP A 178 -42.78 -6.95 -4.57
CA ASP A 178 -43.92 -7.86 -4.57
C ASP A 178 -43.53 -9.34 -4.78
N LEU A 179 -42.25 -9.67 -4.86
CA LEU A 179 -41.83 -11.04 -5.14
C LEU A 179 -41.47 -11.73 -3.84
N GLN A 180 -42.42 -12.48 -3.30
CA GLN A 180 -42.24 -13.25 -2.08
C GLN A 180 -42.02 -14.74 -2.35
N SER A 181 -42.63 -15.27 -3.39
CA SER A 181 -42.50 -16.68 -3.72
C SER A 181 -42.65 -16.85 -5.22
N MET A 182 -41.93 -17.84 -5.77
CA MET A 182 -42.00 -18.13 -7.20
C MET A 182 -43.42 -18.44 -7.64
N GLU A 183 -44.29 -18.88 -6.72
CA GLU A 183 -45.67 -19.20 -7.06
C GLU A 183 -46.47 -17.96 -7.46
N GLN A 184 -46.09 -16.78 -6.96
CA GLN A 184 -46.77 -15.59 -7.46
C GLN A 184 -46.42 -15.31 -8.91
N ILE A 185 -45.23 -15.68 -9.36
CA ILE A 185 -44.96 -15.58 -10.78
C ILE A 185 -45.85 -16.56 -11.54
N ARG A 186 -45.89 -17.82 -11.08
CA ARG A 186 -46.61 -18.87 -11.79
C ARG A 186 -48.09 -18.56 -11.98
N ARG A 187 -48.68 -17.80 -11.06
CA ARG A 187 -50.11 -17.55 -11.09
C ARG A 187 -50.52 -16.37 -11.96
N ILE A 188 -49.57 -15.58 -12.44
CA ILE A 188 -49.91 -14.52 -13.39
C ILE A 188 -50.50 -15.15 -14.64
N MET A 189 -51.69 -14.71 -15.00
CA MET A 189 -52.41 -15.30 -16.11
C MET A 189 -52.11 -14.54 -17.40
N ARG A 190 -52.19 -15.25 -18.52
CA ARG A 190 -51.89 -14.70 -19.83
C ARG A 190 -53.09 -14.95 -20.73
N PRO A 191 -53.29 -14.12 -21.76
CA PRO A 191 -52.44 -12.98 -22.14
C PRO A 191 -52.59 -11.81 -21.17
N THR A 192 -51.53 -11.03 -21.02
CA THR A 192 -51.60 -9.87 -20.14
C THR A 192 -50.75 -8.76 -20.72
N ASP A 193 -51.18 -7.53 -20.48
CA ASP A 193 -50.34 -6.37 -20.72
C ASP A 193 -49.33 -6.25 -19.58
N VAL A 194 -48.36 -5.36 -19.75
CA VAL A 194 -47.44 -4.98 -18.69
C VAL A 194 -48.14 -3.92 -17.82
N PRO A 195 -48.45 -4.18 -16.57
CA PRO A 195 -49.12 -3.18 -15.73
C PRO A 195 -48.17 -2.05 -15.38
N ASP A 196 -48.76 -0.96 -14.88
CA ASP A 196 -48.00 0.22 -14.50
C ASP A 196 -47.13 -0.03 -13.28
N GLN A 197 -47.49 -0.99 -12.43
CA GLN A 197 -46.72 -1.31 -11.24
C GLN A 197 -47.09 -2.73 -10.82
N GLY A 198 -46.34 -3.27 -9.88
CA GLY A 198 -46.55 -4.64 -9.43
C GLY A 198 -45.49 -5.59 -9.97
N LEU A 199 -45.71 -6.87 -9.70
CA LEU A 199 -44.68 -7.90 -9.90
C LEU A 199 -44.23 -7.98 -11.35
N LEU A 200 -45.18 -8.20 -12.27
CA LEU A 200 -44.83 -8.33 -13.67
C LEU A 200 -44.08 -7.09 -14.16
N CYS A 201 -44.51 -5.91 -13.75
CA CYS A 201 -43.84 -4.68 -14.12
C CYS A 201 -42.39 -4.67 -13.64
N ASP A 202 -42.17 -4.95 -12.35
CA ASP A 202 -40.82 -4.92 -11.81
C ASP A 202 -39.92 -5.95 -12.48
N LEU A 203 -40.46 -7.13 -12.78
CA LEU A 203 -39.63 -8.16 -13.38
C LEU A 203 -39.08 -7.70 -14.72
N LEU A 204 -39.78 -6.80 -15.41
CA LEU A 204 -39.40 -6.32 -16.73
C LEU A 204 -38.72 -4.95 -16.70
N TRP A 205 -38.70 -4.26 -15.56
CA TRP A 205 -38.35 -2.84 -15.53
C TRP A 205 -37.33 -2.44 -14.48
N SER A 206 -37.14 -3.20 -13.42
CA SER A 206 -36.28 -2.73 -12.34
C SER A 206 -34.80 -2.89 -12.69
N ASP A 207 -33.96 -2.09 -12.01
CA ASP A 207 -32.52 -2.02 -12.19
C ASP A 207 -31.80 -2.17 -10.87
N PRO A 208 -30.64 -2.82 -10.85
CA PRO A 208 -29.79 -2.76 -9.67
C PRO A 208 -29.09 -1.40 -9.61
N ASP A 209 -28.62 -1.05 -8.41
CA ASP A 209 -27.90 0.21 -8.21
C ASP A 209 -26.97 0.10 -7.01
N LYS A 210 -25.67 0.32 -7.25
CA LYS A 210 -24.66 0.24 -6.19
C LYS A 210 -24.82 1.31 -5.12
N ASP A 211 -25.51 2.42 -5.41
CA ASP A 211 -25.65 3.51 -4.44
C ASP A 211 -26.98 3.51 -3.72
N VAL A 212 -27.73 2.41 -3.78
CA VAL A 212 -29.05 2.31 -3.20
C VAL A 212 -29.01 1.29 -2.08
N GLN A 213 -29.55 1.64 -0.92
CA GLN A 213 -29.79 0.70 0.15
C GLN A 213 -31.27 0.35 0.11
N GLY A 214 -31.57 -0.90 -0.21
CA GLY A 214 -32.95 -1.35 -0.29
C GLY A 214 -33.53 -1.06 -1.66
N TRP A 215 -34.72 -0.47 -1.67
CA TRP A 215 -35.42 -0.15 -2.91
C TRP A 215 -35.34 1.35 -3.13
N GLY A 216 -34.63 1.76 -4.18
CA GLY A 216 -34.55 3.16 -4.55
C GLY A 216 -35.49 3.52 -5.67
N GLU A 217 -35.49 4.81 -5.99
CA GLU A 217 -36.23 5.33 -7.12
C GLU A 217 -35.53 5.00 -8.43
N ASN A 218 -36.31 4.91 -9.49
CA ASN A 218 -35.80 4.49 -10.80
C ASN A 218 -36.04 5.64 -11.77
N ASP A 219 -34.97 6.12 -12.42
CA ASP A 219 -35.05 7.29 -13.29
C ASP A 219 -35.91 7.06 -14.52
N ARG A 220 -36.17 5.80 -14.88
CA ARG A 220 -37.12 5.52 -15.95
C ARG A 220 -38.52 6.01 -15.63
N GLY A 221 -38.82 6.32 -14.37
CA GLY A 221 -40.16 6.66 -13.98
C GLY A 221 -41.05 5.46 -13.74
N VAL A 222 -40.48 4.26 -13.82
CA VAL A 222 -41.20 3.01 -13.63
C VAL A 222 -40.43 2.15 -12.62
N SER A 223 -41.16 1.40 -11.80
CA SER A 223 -40.57 0.35 -10.96
C SER A 223 -39.56 1.00 -10.00
N PHE A 224 -38.52 0.24 -9.62
CA PHE A 224 -37.60 0.62 -8.56
C PHE A 224 -36.18 0.29 -8.97
N THR A 225 -35.23 0.79 -8.18
CA THR A 225 -33.86 0.26 -8.16
C THR A 225 -33.73 -0.60 -6.91
N PHE A 226 -32.80 -1.56 -6.95
CA PHE A 226 -32.52 -2.40 -5.79
C PHE A 226 -31.03 -2.47 -5.56
N GLY A 227 -30.65 -2.50 -4.28
CA GLY A 227 -29.25 -2.57 -3.90
C GLY A 227 -28.74 -3.98 -3.73
N ALA A 228 -27.45 -4.06 -3.35
CA ALA A 228 -26.75 -5.34 -3.24
C ALA A 228 -27.34 -6.22 -2.14
N GLU A 229 -27.88 -5.62 -1.08
CA GLU A 229 -28.42 -6.41 0.02
C GLU A 229 -29.71 -7.11 -0.39
N VAL A 230 -30.52 -6.44 -1.21
CA VAL A 230 -31.73 -7.06 -1.73
C VAL A 230 -31.37 -8.31 -2.53
N VAL A 231 -30.34 -8.22 -3.37
CA VAL A 231 -29.86 -9.38 -4.13
C VAL A 231 -29.49 -10.52 -3.18
N ALA A 232 -28.62 -10.24 -2.21
CA ALA A 232 -28.15 -11.27 -1.28
C ALA A 232 -29.32 -11.92 -0.53
N LYS A 233 -30.28 -11.12 -0.07
CA LYS A 233 -31.44 -11.68 0.64
C LYS A 233 -32.28 -12.56 -0.27
N PHE A 234 -32.48 -12.13 -1.51
CA PHE A 234 -33.31 -12.91 -2.43
C PHE A 234 -32.67 -14.26 -2.73
N LEU A 235 -31.37 -14.28 -3.01
CA LEU A 235 -30.69 -15.54 -3.31
C LEU A 235 -30.69 -16.47 -2.10
N HIS A 236 -30.48 -15.92 -0.90
CA HIS A 236 -30.45 -16.76 0.30
C HIS A 236 -31.81 -17.37 0.56
N LYS A 237 -32.87 -16.57 0.44
CA LYS A 237 -34.21 -17.08 0.73
C LYS A 237 -34.61 -18.20 -0.22
N HIS A 238 -34.25 -18.08 -1.50
CA HIS A 238 -34.70 -19.05 -2.50
C HIS A 238 -33.61 -20.06 -2.87
N ASP A 239 -32.51 -20.09 -2.12
CA ASP A 239 -31.39 -21.01 -2.36
C ASP A 239 -30.89 -20.90 -3.80
N LEU A 240 -30.80 -19.66 -4.28
CA LEU A 240 -30.27 -19.39 -5.60
C LEU A 240 -28.83 -18.92 -5.49
N ASP A 241 -28.08 -19.13 -6.57
CA ASP A 241 -26.71 -18.65 -6.64
C ASP A 241 -26.57 -17.38 -7.45
N LEU A 242 -27.46 -17.11 -8.41
CA LEU A 242 -27.19 -16.02 -9.33
C LEU A 242 -28.49 -15.46 -9.88
N ILE A 243 -28.50 -14.14 -10.07
CA ILE A 243 -29.52 -13.47 -10.89
C ILE A 243 -28.86 -13.12 -12.22
N CYS A 244 -29.56 -13.44 -13.30
CA CYS A 244 -29.08 -13.14 -14.64
C CYS A 244 -30.12 -12.29 -15.32
N ARG A 245 -29.77 -11.05 -15.65
CA ARG A 245 -30.76 -10.14 -16.22
C ARG A 245 -30.09 -9.29 -17.31
N ALA A 246 -30.90 -8.45 -17.94
CA ALA A 246 -30.43 -7.66 -19.07
C ALA A 246 -30.80 -6.18 -18.86
N HIS A 247 -31.47 -5.58 -19.84
CA HIS A 247 -32.21 -4.33 -19.63
C HIS A 247 -31.33 -3.07 -19.61
N GLN A 248 -30.03 -3.18 -19.29
CA GLN A 248 -29.14 -2.02 -19.27
C GLN A 248 -27.92 -2.25 -20.16
N VAL A 249 -27.60 -1.27 -21.03
CA VAL A 249 -26.40 -1.38 -21.85
C VAL A 249 -25.18 -1.33 -20.93
N VAL A 250 -24.29 -2.31 -21.09
CA VAL A 250 -23.06 -2.32 -20.30
C VAL A 250 -21.87 -2.35 -21.24
N GLU A 251 -20.79 -1.68 -20.83
CA GLU A 251 -19.68 -1.41 -21.74
C GLU A 251 -19.06 -2.68 -22.29
N ASP A 252 -18.86 -3.69 -21.44
CA ASP A 252 -18.19 -4.92 -21.82
C ASP A 252 -19.15 -6.03 -22.22
N GLY A 253 -20.41 -5.72 -22.45
CA GLY A 253 -21.39 -6.73 -22.78
C GLY A 253 -21.93 -7.50 -21.60
N TYR A 254 -21.15 -7.64 -20.53
CA TYR A 254 -21.63 -8.22 -19.29
C TYR A 254 -21.02 -7.49 -18.11
N GLU A 255 -21.79 -7.37 -17.03
CA GLU A 255 -21.33 -6.64 -15.86
C GLU A 255 -21.86 -7.31 -14.60
N PHE A 256 -20.95 -7.54 -13.65
CA PHE A 256 -21.27 -8.12 -12.37
C PHE A 256 -21.81 -7.07 -11.41
N PHE A 257 -22.61 -7.53 -10.45
CA PHE A 257 -23.13 -6.67 -9.41
C PHE A 257 -23.19 -7.49 -8.12
N ALA A 258 -22.95 -6.82 -7.00
CA ALA A 258 -23.09 -7.44 -5.68
C ALA A 258 -22.23 -8.69 -5.53
N LYS A 259 -20.93 -8.51 -5.79
CA LYS A 259 -19.95 -9.60 -5.63
C LYS A 259 -20.32 -10.79 -6.50
N ARG A 260 -20.69 -10.51 -7.74
CA ARG A 260 -20.99 -11.52 -8.76
C ARG A 260 -22.22 -12.36 -8.42
N GLN A 261 -23.08 -11.86 -7.55
CA GLN A 261 -24.37 -12.51 -7.31
C GLN A 261 -25.39 -12.14 -8.37
N LEU A 262 -25.17 -11.05 -9.10
CA LEU A 262 -26.00 -10.67 -10.22
C LEU A 262 -25.10 -10.40 -11.42
N VAL A 263 -25.61 -10.66 -12.63
CA VAL A 263 -24.93 -10.29 -13.86
C VAL A 263 -25.94 -9.65 -14.80
N THR A 264 -25.52 -8.57 -15.44
CA THR A 264 -26.28 -7.91 -16.49
C THR A 264 -25.68 -8.32 -17.84
N LEU A 265 -26.54 -8.82 -18.73
CA LEU A 265 -26.13 -9.22 -20.08
C LEU A 265 -26.75 -8.27 -21.08
N PHE A 266 -25.95 -7.82 -22.04
CA PHE A 266 -26.44 -7.00 -23.13
C PHE A 266 -25.81 -7.51 -24.42
N SER A 267 -26.64 -7.81 -25.41
CA SER A 267 -26.16 -8.48 -26.60
C SER A 267 -26.22 -7.63 -27.86
N ALA A 268 -26.47 -6.33 -27.75
CA ALA A 268 -26.44 -5.46 -28.93
C ALA A 268 -25.21 -4.56 -28.89
N PRO A 269 -24.15 -4.89 -29.62
CA PRO A 269 -22.97 -4.00 -29.66
C PRO A 269 -23.29 -2.70 -30.38
N ASN A 270 -22.50 -1.67 -30.07
CA ASN A 270 -22.74 -0.28 -30.46
C ASN A 270 -24.23 0.03 -30.43
N TYR A 271 -24.81 -0.15 -29.24
CA TYR A 271 -26.22 0.09 -29.04
C TYR A 271 -26.61 1.48 -29.53
N CYS A 272 -27.66 1.54 -30.35
CA CYS A 272 -28.19 2.78 -30.92
C CYS A 272 -27.20 3.49 -31.84
N GLY A 273 -26.06 2.88 -32.13
CA GLY A 273 -24.99 3.60 -32.80
C GLY A 273 -24.36 4.71 -31.97
N GLU A 274 -24.80 4.88 -30.72
CA GLU A 274 -24.29 5.93 -29.85
C GLU A 274 -23.23 5.46 -28.86
N PHE A 275 -23.31 4.21 -28.41
CA PHE A 275 -22.33 3.65 -27.50
C PHE A 275 -21.30 2.86 -28.27
N ASP A 276 -20.12 2.70 -27.66
CA ASP A 276 -19.11 1.81 -28.20
C ASP A 276 -19.08 0.47 -27.47
N ASN A 277 -20.24 0.04 -26.98
CA ASN A 277 -20.30 -1.13 -26.10
C ASN A 277 -20.09 -2.41 -26.90
N ALA A 278 -19.56 -3.43 -26.21
CA ALA A 278 -19.57 -4.78 -26.74
C ALA A 278 -20.87 -5.48 -26.33
N GLY A 279 -21.23 -6.50 -27.10
CA GLY A 279 -22.32 -7.38 -26.74
C GLY A 279 -21.74 -8.66 -26.17
N ALA A 280 -22.50 -9.30 -25.27
CA ALA A 280 -22.06 -10.57 -24.71
C ALA A 280 -23.23 -11.54 -24.60
N MET A 281 -22.89 -12.83 -24.64
CA MET A 281 -23.79 -13.88 -24.20
C MET A 281 -23.06 -14.75 -23.20
N MET A 282 -23.82 -15.39 -22.32
CA MET A 282 -23.27 -16.23 -21.27
C MET A 282 -23.55 -17.71 -21.59
N SER A 283 -22.48 -18.51 -21.62
CA SER A 283 -22.58 -19.95 -21.79
C SER A 283 -22.60 -20.61 -20.41
N VAL A 284 -23.64 -21.40 -20.15
CA VAL A 284 -23.74 -22.21 -18.94
C VAL A 284 -23.60 -23.66 -19.35
N ASP A 285 -22.63 -24.36 -18.77
CA ASP A 285 -22.41 -25.76 -19.11
C ASP A 285 -23.10 -26.65 -18.09
N GLU A 286 -22.93 -27.97 -18.25
CA GLU A 286 -23.71 -28.93 -17.48
C GLU A 286 -23.40 -28.86 -15.99
N THR A 287 -22.23 -28.33 -15.62
CA THR A 287 -21.85 -28.19 -14.23
C THR A 287 -22.12 -26.80 -13.68
N LEU A 288 -22.86 -25.97 -14.44
CA LEU A 288 -23.17 -24.59 -14.09
C LEU A 288 -21.90 -23.73 -14.05
N MET A 289 -20.88 -24.09 -14.82
CA MET A 289 -19.75 -23.19 -15.02
CA MET A 289 -19.74 -23.21 -15.03
C MET A 289 -20.10 -22.19 -16.11
N CYS A 290 -20.03 -20.91 -15.77
CA CYS A 290 -20.50 -19.84 -16.65
C CYS A 290 -19.33 -19.08 -17.24
N SER A 291 -19.37 -18.87 -18.54
CA SER A 291 -18.34 -18.12 -19.25
C SER A 291 -19.04 -17.19 -20.23
N PHE A 292 -18.27 -16.23 -20.76
CA PHE A 292 -18.86 -15.16 -21.55
C PHE A 292 -18.23 -15.12 -22.92
N GLN A 293 -19.05 -15.06 -23.96
CA GLN A 293 -18.58 -14.86 -25.31
C GLN A 293 -18.90 -13.43 -25.72
N ILE A 294 -17.90 -12.72 -26.25
CA ILE A 294 -18.01 -11.29 -26.50
C ILE A 294 -18.20 -11.06 -27.99
N LEU A 295 -19.19 -10.25 -28.33
CA LEU A 295 -19.37 -9.73 -29.69
C LEU A 295 -18.71 -8.37 -29.74
N LYS A 296 -17.52 -8.32 -30.29
CA LYS A 296 -16.85 -7.04 -30.43
C LYS A 296 -17.63 -6.15 -31.39
N PRO A 297 -17.75 -4.85 -31.10
CA PRO A 297 -18.31 -3.90 -32.06
C PRO A 297 -17.88 -4.18 -33.50
N ALA A 298 -18.86 -4.45 -34.38
CA ALA A 298 -18.57 -4.95 -35.73
C ALA A 298 -17.56 -4.09 -36.48
N ASP A 299 -17.51 -2.79 -36.21
CA ASP A 299 -16.51 -1.93 -36.84
C ASP A 299 -15.65 -1.22 -35.79
N ARG A 316 7.85 -11.44 -29.56
CA ARG A 316 8.56 -10.19 -29.31
C ARG A 316 7.99 -9.04 -30.10
N PRO A 317 8.15 -7.84 -29.56
CA PRO A 317 7.75 -6.64 -30.31
C PRO A 317 8.64 -6.42 -31.53
N ILE A 318 8.14 -5.58 -32.44
CA ILE A 318 8.87 -5.28 -33.66
C ILE A 318 10.09 -4.44 -33.33
N THR A 319 11.25 -4.83 -33.85
CA THR A 319 12.47 -4.08 -33.58
C THR A 319 12.49 -2.81 -34.44
N PRO A 320 13.21 -1.77 -34.02
CA PRO A 320 13.28 -0.55 -34.80
C PRO A 320 14.05 -0.77 -36.09
N PRO A 321 13.87 0.11 -37.07
CA PRO A 321 14.71 0.04 -38.27
C PRO A 321 16.12 0.54 -37.99
N ARG A 322 17.04 0.14 -38.86
CA ARG A 322 18.40 0.64 -38.79
C ARG A 322 18.50 1.97 -39.55
N ASN A 323 19.21 2.93 -38.95
CA ASN A 323 19.37 4.24 -39.56
C ASN A 323 20.67 4.32 -40.36
N LEU B 6 50.06 29.03 32.88
CA LEU B 6 48.96 28.10 32.68
C LEU B 6 47.62 28.65 33.21
N ASN B 7 47.14 29.75 32.62
CA ASN B 7 45.86 30.31 33.07
C ASN B 7 44.73 29.44 32.54
N LEU B 8 44.43 28.39 33.30
CA LEU B 8 43.39 27.44 32.91
C LEU B 8 42.02 28.11 32.83
N ASP B 9 41.72 28.98 33.80
CA ASP B 9 40.41 29.63 33.83
C ASP B 9 40.24 30.55 32.62
N SER B 10 41.26 31.35 32.31
CA SER B 10 41.19 32.20 31.12
C SER B 10 41.01 31.36 29.87
N ILE B 11 41.64 30.20 29.81
CA ILE B 11 41.46 29.32 28.66
C ILE B 11 40.00 28.88 28.58
N ILE B 12 39.45 28.40 29.69
CA ILE B 12 38.07 27.94 29.72
C ILE B 12 37.11 29.08 29.40
N GLY B 13 37.38 30.26 29.95
CA GLY B 13 36.55 31.42 29.65
C GLY B 13 36.52 31.71 28.16
N ARG B 14 37.69 31.73 27.52
CA ARG B 14 37.71 32.01 26.09
C ARG B 14 37.01 30.91 25.30
N LEU B 15 37.19 29.64 25.70
CA LEU B 15 36.53 28.55 25.00
C LEU B 15 35.01 28.64 25.12
N LEU B 16 34.51 28.99 26.31
CA LEU B 16 33.06 29.08 26.50
C LEU B 16 32.45 30.31 25.82
N GLU B 17 33.27 31.27 25.40
CA GLU B 17 32.79 32.51 24.81
C GLU B 17 32.56 32.42 23.30
N VAL B 18 32.84 31.27 22.67
CA VAL B 18 32.55 31.15 21.25
C VAL B 18 31.03 31.17 21.02
N GLN B 19 30.64 31.59 19.81
CA GLN B 19 29.24 31.73 19.47
C GLN B 19 29.03 31.83 17.97
N GLY B 20 28.27 30.90 17.39
CA GLY B 20 27.86 31.00 15.99
C GLY B 20 29.04 30.99 15.04
N SER B 21 28.89 31.74 13.95
CA SER B 21 29.91 31.87 12.92
C SER B 21 30.32 30.51 12.36
N GLN B 28 40.30 32.87 20.64
CA GLN B 28 41.17 31.77 20.23
C GLN B 28 42.30 31.58 21.22
N LEU B 29 42.91 30.40 21.17
CA LEU B 29 44.01 30.02 22.04
C LEU B 29 45.31 30.08 21.28
N THR B 30 46.41 30.24 22.01
CA THR B 30 47.71 30.20 21.38
C THR B 30 48.25 28.77 21.32
N GLU B 31 49.13 28.55 20.36
CA GLU B 31 49.90 27.32 20.30
C GLU B 31 50.48 26.97 21.67
N ASN B 32 51.05 27.96 22.35
CA ASN B 32 51.64 27.73 23.66
CA ASN B 32 51.64 27.74 23.67
C ASN B 32 50.61 27.17 24.64
N GLU B 33 49.41 27.76 24.68
CA GLU B 33 48.39 27.31 25.61
C GLU B 33 47.92 25.90 25.27
N ILE B 34 47.71 25.61 23.99
CA ILE B 34 47.23 24.29 23.61
C ILE B 34 48.25 23.22 23.99
N ARG B 35 49.53 23.56 23.85
CA ARG B 35 50.58 22.64 24.23
C ARG B 35 50.56 22.41 25.74
N GLY B 36 50.28 23.46 26.52
CA GLY B 36 50.15 23.27 27.95
C GLY B 36 49.00 22.33 28.30
N LEU B 37 47.87 22.47 27.61
CA LEU B 37 46.76 21.55 27.85
C LEU B 37 47.17 20.11 27.57
N CYS B 38 47.87 19.87 26.45
CA CYS B 38 48.25 18.51 26.07
C CYS B 38 49.25 17.92 27.05
N LEU B 39 50.29 18.68 27.40
CA LEU B 39 51.32 18.15 28.28
C LEU B 39 50.80 17.94 29.69
N LYS B 40 50.07 18.91 30.23
CA LYS B 40 49.55 18.76 31.58
C LYS B 40 48.54 17.62 31.65
N SER B 41 47.62 17.52 30.68
CA SER B 41 46.63 16.46 30.78
C SER B 41 47.26 15.08 30.57
N ARG B 42 48.28 15.01 29.71
CA ARG B 42 49.01 13.76 29.52
C ARG B 42 49.58 13.24 30.83
N GLU B 43 50.25 14.10 31.60
CA GLU B 43 50.76 13.71 32.92
C GLU B 43 49.64 13.17 33.82
N ILE B 44 48.45 13.78 33.75
CA ILE B 44 47.37 13.33 34.60
C ILE B 44 46.88 11.95 34.17
N PHE B 45 46.68 11.75 32.87
CA PHE B 45 46.27 10.43 32.36
C PHE B 45 47.23 9.35 32.83
N LEU B 46 48.54 9.60 32.73
CA LEU B 46 49.52 8.58 33.08
C LEU B 46 49.57 8.32 34.58
N SER B 47 49.22 9.31 35.39
CA SER B 47 49.15 9.11 36.83
C SER B 47 47.86 8.44 37.28
N GLN B 48 46.87 8.32 36.41
CA GLN B 48 45.66 7.61 36.77
C GLN B 48 45.62 6.26 36.06
N PRO B 49 44.87 5.29 36.59
CA PRO B 49 44.88 3.95 35.99
C PRO B 49 44.37 3.97 34.56
N ILE B 50 44.86 3.00 33.77
CA ILE B 50 44.36 2.85 32.40
C ILE B 50 42.97 2.25 32.41
N LEU B 51 42.64 1.53 33.46
CA LEU B 51 41.31 1.01 33.70
C LEU B 51 40.79 1.79 34.90
N LEU B 52 39.92 2.76 34.63
CA LEU B 52 39.39 3.62 35.68
C LEU B 52 38.34 2.90 36.51
N GLU B 53 38.39 3.10 37.81
CA GLU B 53 37.33 2.63 38.69
C GLU B 53 36.69 3.87 39.30
N LEU B 54 35.44 4.10 38.92
CA LEU B 54 34.70 5.31 39.23
C LEU B 54 33.46 4.94 40.03
N GLU B 55 32.79 5.96 40.52
CA GLU B 55 31.57 5.82 41.31
C GLU B 55 30.52 6.77 40.80
N ALA B 56 29.26 6.33 40.82
CA ALA B 56 28.15 7.21 40.56
C ALA B 56 27.98 8.15 41.77
N PRO B 57 27.27 9.28 41.61
CA PRO B 57 26.59 9.81 40.43
C PRO B 57 27.56 10.21 39.33
N LEU B 58 27.12 10.06 38.08
CA LEU B 58 27.99 10.28 36.94
CA LEU B 58 27.99 10.28 36.94
C LEU B 58 27.13 10.48 35.70
N LYS B 59 27.58 11.36 34.81
CA LYS B 59 27.00 11.49 33.47
C LYS B 59 27.97 10.85 32.50
N ILE B 60 27.47 10.00 31.61
CA ILE B 60 28.29 9.28 30.65
C ILE B 60 27.85 9.67 29.24
N CYS B 61 28.80 10.15 28.44
CA CYS B 61 28.55 10.62 27.08
C CYS B 61 29.35 9.84 26.05
N GLY B 62 28.77 9.69 24.87
CA GLY B 62 29.40 9.06 23.71
C GLY B 62 29.97 10.07 22.74
N ASP B 63 30.11 9.64 21.48
CA ASP B 63 30.87 10.37 20.47
C ASP B 63 30.46 11.83 20.36
N ILE B 64 31.47 12.70 20.23
CA ILE B 64 31.29 14.13 20.00
C ILE B 64 31.69 14.52 18.58
N HIS B 65 32.86 14.06 18.12
CA HIS B 65 33.34 14.27 16.76
C HIS B 65 33.34 15.76 16.37
N GLY B 66 33.92 16.57 17.24
CA GLY B 66 34.11 17.99 16.93
C GLY B 66 32.86 18.83 16.83
N GLN B 67 31.72 18.35 17.32
CA GLN B 67 30.49 19.14 17.31
C GLN B 67 30.44 19.94 18.61
N TYR B 68 31.30 20.96 18.66
CA TYR B 68 31.54 21.70 19.89
C TYR B 68 30.25 22.35 20.44
N TYR B 69 29.39 22.83 19.56
CA TYR B 69 28.16 23.45 20.06
C TYR B 69 27.22 22.42 20.65
N ASP B 70 27.30 21.17 20.19
CA ASP B 70 26.51 20.15 20.87
C ASP B 70 27.14 19.72 22.19
N LEU B 71 28.47 19.76 22.29
CA LEU B 71 29.11 19.51 23.58
C LEU B 71 28.68 20.55 24.62
N LEU B 72 28.62 21.82 24.23
CA LEU B 72 28.13 22.84 25.16
C LEU B 72 26.68 22.57 25.56
N ARG B 73 25.85 22.15 24.59
CA ARG B 73 24.49 21.75 24.90
C ARG B 73 24.44 20.64 25.95
N LEU B 74 25.30 19.63 25.81
CA LEU B 74 25.39 18.57 26.82
C LEU B 74 25.66 19.16 28.19
N PHE B 75 26.67 20.04 28.29
CA PHE B 75 26.97 20.63 29.59
C PHE B 75 25.82 21.48 30.10
N GLU B 76 25.13 22.20 29.21
CA GLU B 76 24.00 23.02 29.67
C GLU B 76 22.89 22.15 30.25
N TYR B 77 22.60 21.02 29.59
CA TYR B 77 21.58 20.11 30.08
C TYR B 77 22.06 19.36 31.33
N GLY B 78 23.27 18.83 31.31
CA GLY B 78 23.72 18.06 32.46
C GLY B 78 24.34 18.83 33.59
N GLY B 79 24.64 20.11 33.38
CA GLY B 79 25.42 20.86 34.35
C GLY B 79 26.88 20.94 33.96
N PHE B 80 27.45 22.15 33.95
CA PHE B 80 28.86 22.31 33.64
C PHE B 80 29.72 21.76 34.77
N PRO B 81 30.87 21.16 34.44
CA PRO B 81 31.75 20.65 35.50
C PRO B 81 32.12 21.75 36.47
N PRO B 82 32.18 21.45 37.77
CA PRO B 82 31.99 20.11 38.34
C PRO B 82 30.60 19.89 38.95
N GLU B 83 29.55 20.55 38.44
CA GLU B 83 28.22 20.32 38.98
CA GLU B 83 28.22 20.32 38.99
C GLU B 83 27.81 18.86 38.86
N SER B 84 28.16 18.22 37.74
CA SER B 84 28.01 16.80 37.58
C SER B 84 29.38 16.22 37.29
N ASN B 85 29.60 14.97 37.71
CA ASN B 85 30.77 14.23 37.25
C ASN B 85 30.51 13.72 35.84
N TYR B 86 31.57 13.58 35.06
CA TYR B 86 31.42 13.22 33.66
C TYR B 86 32.42 12.13 33.30
N LEU B 87 31.94 11.19 32.49
CA LEU B 87 32.80 10.23 31.80
C LEU B 87 32.43 10.30 30.33
N PHE B 88 33.42 10.59 29.49
CA PHE B 88 33.22 10.56 28.05
C PHE B 88 33.85 9.30 27.51
N LEU B 89 33.23 8.72 26.47
CA LEU B 89 33.63 7.41 25.95
C LEU B 89 34.54 7.50 24.73
N GLY B 90 34.92 8.69 24.28
CA GLY B 90 35.91 8.84 23.24
C GLY B 90 35.30 9.45 21.98
N ASP B 91 36.14 9.50 20.91
CA ASP B 91 35.78 10.07 19.61
C ASP B 91 35.41 11.55 19.75
N TYR B 92 36.35 12.29 20.32
CA TYR B 92 36.23 13.74 20.45
C TYR B 92 36.50 14.49 19.15
N VAL B 93 37.38 13.96 18.30
CA VAL B 93 37.80 14.68 17.10
C VAL B 93 37.32 13.99 15.83
N ASP B 94 37.67 14.59 14.68
CA ASP B 94 37.36 14.12 13.33
C ASP B 94 35.90 14.39 12.96
N ARG B 95 35.66 14.47 11.64
CA ARG B 95 34.35 14.61 11.01
C ARG B 95 33.73 15.98 11.24
N GLY B 96 33.71 16.47 12.48
CA GLY B 96 33.16 17.78 12.75
C GLY B 96 34.11 18.89 12.35
N LYS B 97 33.63 20.13 12.49
CA LYS B 97 34.39 21.30 12.13
C LYS B 97 35.16 21.89 13.31
N GLN B 98 34.76 21.61 14.54
CA GLN B 98 35.42 22.23 15.68
C GLN B 98 35.99 21.18 16.62
N SER B 99 36.80 20.27 16.07
CA SER B 99 37.52 19.32 16.89
C SER B 99 38.44 20.01 17.89
N LEU B 100 39.01 21.16 17.51
CA LEU B 100 40.01 21.78 18.40
C LEU B 100 39.33 22.41 19.61
N GLU B 101 38.24 23.14 19.40
CA GLU B 101 37.50 23.66 20.55
C GLU B 101 37.08 22.51 21.46
N THR B 102 36.59 21.42 20.86
CA THR B 102 36.09 20.28 21.60
C THR B 102 37.17 19.69 22.50
N ILE B 103 38.30 19.27 21.92
CA ILE B 103 39.28 18.57 22.73
C ILE B 103 39.97 19.53 23.69
N CYS B 104 40.15 20.79 23.31
CA CYS B 104 40.76 21.75 24.24
C CYS B 104 39.91 21.93 25.50
N LEU B 105 38.59 22.07 25.33
CA LEU B 105 37.72 22.24 26.49
C LEU B 105 37.72 20.98 27.37
N LEU B 106 37.61 19.81 26.76
CA LEU B 106 37.68 18.56 27.53
C LEU B 106 39.01 18.42 28.26
N LEU B 107 40.13 18.71 27.59
CA LEU B 107 41.42 18.63 28.28
C LEU B 107 41.50 19.64 29.41
N ALA B 108 41.01 20.87 29.17
CA ALA B 108 41.01 21.88 30.23
C ALA B 108 40.21 21.42 31.44
N TYR B 109 39.05 20.82 31.20
CA TYR B 109 38.22 20.32 32.30
C TYR B 109 38.86 19.13 32.99
N LYS B 110 39.60 18.30 32.24
CA LYS B 110 40.34 17.22 32.86
C LYS B 110 41.40 17.76 33.81
N ILE B 111 42.09 18.82 33.41
CA ILE B 111 43.14 19.39 34.25
C ILE B 111 42.54 20.09 35.46
N LYS B 112 41.39 20.74 35.29
CA LYS B 112 40.82 21.48 36.43
C LYS B 112 40.12 20.54 37.42
N TYR B 113 39.55 19.44 36.94
CA TYR B 113 38.80 18.52 37.79
C TYR B 113 39.27 17.09 37.53
N PRO B 114 40.52 16.77 37.89
CA PRO B 114 41.08 15.46 37.50
C PRO B 114 40.41 14.30 38.20
N GLU B 115 39.72 14.54 39.31
CA GLU B 115 39.01 13.49 40.03
C GLU B 115 37.53 13.45 39.72
N ASN B 116 37.01 14.38 38.92
CA ASN B 116 35.58 14.45 38.66
C ASN B 116 35.23 14.43 37.18
N PHE B 117 36.23 14.32 36.31
CA PHE B 117 36.06 14.48 34.88
C PHE B 117 36.96 13.46 34.21
N PHE B 118 36.39 12.59 33.40
CA PHE B 118 37.17 11.49 32.84
C PHE B 118 36.90 11.36 31.36
N LEU B 119 37.97 11.05 30.63
CA LEU B 119 37.95 10.88 29.20
C LEU B 119 38.52 9.51 28.87
N LEU B 120 37.78 8.73 28.10
CA LEU B 120 38.28 7.48 27.55
C LEU B 120 38.76 7.68 26.12
N ARG B 121 39.65 6.80 25.69
CA ARG B 121 40.19 6.80 24.33
C ARG B 121 39.21 6.17 23.35
N GLY B 122 38.85 6.91 22.31
CA GLY B 122 38.07 6.32 21.24
C GLY B 122 38.98 5.89 20.09
N ASN B 123 38.40 5.25 19.07
CA ASN B 123 39.24 4.81 17.95
C ASN B 123 39.74 6.00 17.12
N HIS B 124 39.09 7.17 17.21
CA HIS B 124 39.62 8.35 16.55
C HIS B 124 40.66 9.10 17.36
N GLU B 125 40.92 8.70 18.60
CA GLU B 125 42.04 9.27 19.35
C GLU B 125 43.31 8.48 19.02
N CYS B 126 43.69 8.58 17.74
CA CYS B 126 44.70 7.71 17.13
C CYS B 126 45.25 8.41 15.90
N ALA B 127 46.58 8.52 15.81
CA ALA B 127 47.19 9.23 14.69
C ALA B 127 46.84 8.59 13.35
N SER B 128 46.69 7.26 13.29
CA SER B 128 46.32 6.63 12.02
C SER B 128 44.96 7.12 11.54
N ILE B 129 43.99 7.20 12.44
CA ILE B 129 42.63 7.50 12.03
C ILE B 129 42.43 8.98 11.83
N ASN B 130 42.82 9.81 12.82
CA ASN B 130 42.52 11.23 12.67
C ASN B 130 43.52 11.92 11.75
N ARG B 131 44.44 11.16 11.17
CA ARG B 131 45.18 11.65 10.03
C ARG B 131 44.28 11.85 8.82
N ILE B 132 43.28 10.97 8.62
CA ILE B 132 42.48 11.02 7.40
C ILE B 132 41.05 11.50 7.62
N TYR B 133 40.52 11.49 8.84
CA TYR B 133 39.11 11.81 9.04
C TYR B 133 38.85 13.24 9.49
N GLY B 134 39.86 14.10 9.46
CA GLY B 134 39.64 15.53 9.62
C GLY B 134 40.53 16.29 10.59
N PHE B 135 41.00 15.63 11.64
CA PHE B 135 41.69 16.36 12.70
C PHE B 135 43.06 16.85 12.26
N TYR B 136 43.78 16.02 11.51
CA TYR B 136 45.04 16.45 10.91
C TYR B 136 44.86 17.71 10.07
N ASP B 137 43.80 17.75 9.26
CA ASP B 137 43.56 18.91 8.40
C ASP B 137 43.20 20.13 9.23
N GLU B 138 42.36 19.95 10.24
CA GLU B 138 41.98 21.07 11.09
C GLU B 138 43.21 21.66 11.79
N CYS B 139 44.04 20.79 12.37
CA CYS B 139 45.29 21.26 12.98
C CYS B 139 46.15 22.01 11.98
N LYS B 140 46.38 21.43 10.80
CA LYS B 140 47.22 22.07 9.79
C LYS B 140 46.63 23.38 9.31
N ARG B 141 45.31 23.40 9.10
CA ARG B 141 44.65 24.63 8.66
C ARG B 141 44.82 25.74 9.70
N ARG B 142 44.46 25.46 10.97
CA ARG B 142 44.38 26.51 11.99
C ARG B 142 45.67 26.70 12.77
N TYR B 143 46.48 25.66 12.95
CA TYR B 143 47.78 25.85 13.57
C TYR B 143 48.86 25.29 12.67
N ASN B 144 49.36 24.08 12.98
CA ASN B 144 50.37 23.44 12.15
C ASN B 144 50.42 21.96 12.50
N ILE B 145 51.30 21.26 11.78
CA ILE B 145 51.41 19.80 11.89
C ILE B 145 51.97 19.40 13.25
N LYS B 146 52.95 20.16 13.76
CA LYS B 146 53.58 19.76 15.02
C LYS B 146 52.56 19.81 16.15
N LEU B 147 51.63 20.76 16.13
CA LEU B 147 50.59 20.75 17.15
C LEU B 147 49.79 19.46 17.07
N TRP B 148 49.51 18.99 15.85
CA TRP B 148 48.80 17.74 15.68
C TRP B 148 49.53 16.59 16.35
N LYS B 149 50.86 16.55 16.23
CA LYS B 149 51.63 15.48 16.86
C LYS B 149 51.62 15.65 18.38
N THR B 150 51.57 16.89 18.87
CA THR B 150 51.42 17.09 20.31
C THR B 150 50.14 16.42 20.81
N PHE B 151 49.03 16.61 20.11
CA PHE B 151 47.79 15.93 20.48
C PHE B 151 47.95 14.42 20.44
N THR B 152 48.65 13.91 19.43
CA THR B 152 48.86 12.48 19.30
C THR B 152 49.49 11.90 20.56
N ASP B 153 50.61 12.49 21.00
CA ASP B 153 51.30 12.02 22.20
C ASP B 153 50.40 12.04 23.43
N CYS B 154 49.47 13.00 23.48
CA CYS B 154 48.47 13.03 24.54
C CYS B 154 47.43 11.92 24.37
N PHE B 155 46.86 11.78 23.17
CA PHE B 155 45.91 10.69 22.91
C PHE B 155 46.52 9.32 23.25
N ASN B 156 47.83 9.17 23.02
CA ASN B 156 48.45 7.87 23.27
C ASN B 156 48.48 7.52 24.76
N CYS B 157 48.10 8.44 25.64
CA CYS B 157 48.11 8.18 27.07
C CYS B 157 46.72 8.09 27.68
N LEU B 158 45.66 8.26 26.89
CA LEU B 158 44.31 8.17 27.42
C LEU B 158 44.04 6.78 27.99
N PRO B 159 43.31 6.68 29.10
CA PRO B 159 42.84 5.37 29.57
C PRO B 159 41.86 4.80 28.56
N ILE B 160 41.64 3.50 28.65
CA ILE B 160 40.87 2.82 27.61
C ILE B 160 39.58 2.19 28.09
N ALA B 161 39.36 2.07 29.41
CA ALA B 161 38.09 1.53 29.89
C ALA B 161 37.83 2.03 31.30
N ALA B 162 36.57 1.93 31.72
CA ALA B 162 36.20 2.32 33.07
C ALA B 162 35.15 1.36 33.59
N ILE B 163 35.18 1.14 34.90
CA ILE B 163 34.16 0.35 35.57
C ILE B 163 33.53 1.24 36.64
N VAL B 164 32.21 1.39 36.57
CA VAL B 164 31.48 2.25 37.49
C VAL B 164 30.89 1.36 38.56
N ASP B 165 31.31 1.59 39.80
CA ASP B 165 30.78 0.88 40.98
C ASP B 165 30.80 -0.63 40.79
N GLU B 166 31.82 -1.13 40.10
CA GLU B 166 31.98 -2.58 39.88
C GLU B 166 30.77 -3.21 39.19
N LYS B 167 30.01 -2.41 38.46
CA LYS B 167 28.78 -2.90 37.84
C LYS B 167 28.57 -2.45 36.41
N ILE B 168 29.12 -1.32 35.98
CA ILE B 168 29.00 -0.85 34.61
C ILE B 168 30.39 -0.83 34.01
N PHE B 169 30.61 -1.64 32.98
CA PHE B 169 31.87 -1.65 32.25
C PHE B 169 31.71 -0.69 31.06
N CYS B 170 32.62 0.28 30.95
CA CYS B 170 32.53 1.31 29.92
C CYS B 170 33.78 1.25 29.05
N CYS B 171 33.57 1.33 27.74
CA CYS B 171 34.65 1.47 26.78
C CYS B 171 34.03 2.02 25.50
N HIS B 172 34.88 2.53 24.61
CA HIS B 172 34.36 3.14 23.40
C HIS B 172 33.67 2.11 22.49
N GLY B 173 34.40 1.08 22.09
CA GLY B 173 33.92 0.14 21.10
C GLY B 173 33.14 -1.02 21.69
N GLY B 174 33.84 -1.96 22.32
CA GLY B 174 33.12 -3.08 22.90
C GLY B 174 34.04 -4.17 23.40
N LEU B 175 33.53 -5.39 23.37
CA LEU B 175 34.22 -6.53 23.94
C LEU B 175 35.30 -7.07 22.99
N SER B 176 36.15 -7.89 23.54
CA SER B 176 37.29 -8.46 22.84
C SER B 176 37.36 -9.95 23.12
N PRO B 177 37.54 -10.78 22.09
CA PRO B 177 37.81 -12.20 22.33
C PRO B 177 39.01 -12.43 23.23
N ASP B 178 39.95 -11.49 23.26
CA ASP B 178 41.12 -11.62 24.13
C ASP B 178 40.83 -11.23 25.57
N LEU B 179 39.72 -10.56 25.85
CA LEU B 179 39.48 -10.02 27.18
C LEU B 179 38.94 -11.12 28.08
N GLN B 180 39.83 -11.70 28.90
CA GLN B 180 39.42 -12.70 29.87
C GLN B 180 39.49 -12.21 31.30
N SER B 181 40.45 -11.36 31.62
CA SER B 181 40.65 -10.81 32.95
C SER B 181 40.91 -9.31 32.82
N MET B 182 40.34 -8.53 33.75
CA MET B 182 40.57 -7.08 33.75
C MET B 182 42.03 -6.75 33.94
N GLU B 183 42.80 -7.64 34.57
CA GLU B 183 44.23 -7.42 34.71
C GLU B 183 44.93 -7.30 33.36
N GLN B 184 44.36 -7.88 32.30
CA GLN B 184 44.95 -7.72 30.96
C GLN B 184 44.88 -6.27 30.50
N ILE B 185 43.78 -5.59 30.81
CA ILE B 185 43.70 -4.16 30.49
C ILE B 185 44.71 -3.38 31.32
N ARG B 186 44.86 -3.74 32.61
CA ARG B 186 45.71 -2.95 33.50
C ARG B 186 47.18 -3.07 33.16
N ARG B 187 47.60 -4.16 32.54
CA ARG B 187 49.00 -4.33 32.16
C ARG B 187 49.32 -3.70 30.80
N ILE B 188 48.38 -3.04 30.16
CA ILE B 188 48.70 -2.33 28.92
C ILE B 188 49.49 -1.09 29.27
N MET B 189 50.70 -0.97 28.73
CA MET B 189 51.53 0.19 29.06
C MET B 189 51.27 1.34 28.09
N ARG B 190 51.38 2.54 28.61
CA ARG B 190 51.24 3.78 27.86
C ARG B 190 52.54 4.56 27.91
N PRO B 191 52.81 5.44 26.93
CA PRO B 191 51.97 5.70 25.75
C PRO B 191 51.97 4.53 24.77
N THR B 192 50.90 4.41 23.99
CA THR B 192 50.84 3.36 22.98
C THR B 192 50.02 3.85 21.80
N ASP B 193 50.42 3.43 20.60
CA ASP B 193 49.54 3.49 19.45
C ASP B 193 48.42 2.46 19.62
N VAL B 194 47.39 2.58 18.80
CA VAL B 194 46.33 1.58 18.73
C VAL B 194 46.74 0.52 17.72
N PRO B 195 46.92 -0.74 18.13
CA PRO B 195 47.38 -1.77 17.17
C PRO B 195 46.26 -2.19 16.23
N ASP B 196 46.66 -2.89 15.17
CA ASP B 196 45.74 -3.42 14.17
C ASP B 196 44.87 -4.55 14.71
N GLN B 197 45.25 -5.14 15.84
CA GLN B 197 44.51 -6.26 16.39
C GLN B 197 44.95 -6.43 17.83
N GLY B 198 44.19 -7.21 18.57
CA GLY B 198 44.48 -7.39 19.98
C GLY B 198 43.48 -6.64 20.85
N LEU B 199 43.68 -6.79 22.15
CA LEU B 199 42.71 -6.38 23.14
C LEU B 199 42.42 -4.89 23.06
N LEU B 200 43.48 -4.08 22.98
CA LEU B 200 43.32 -2.63 22.94
C LEU B 200 42.54 -2.21 21.68
N CYS B 201 42.88 -2.80 20.54
CA CYS B 201 42.16 -2.50 19.31
C CYS B 201 40.66 -2.80 19.45
N ASP B 202 40.32 -3.98 19.98
CA ASP B 202 38.92 -4.39 20.04
C ASP B 202 38.12 -3.51 21.00
N LEU B 203 38.71 -3.12 22.13
CA LEU B 203 38.02 -2.24 23.07
C LEU B 203 37.63 -0.92 22.42
N LEU B 204 38.37 -0.49 21.40
CA LEU B 204 38.09 0.77 20.71
C LEU B 204 37.29 0.60 19.42
N TRP B 205 37.16 -0.64 18.91
CA TRP B 205 36.68 -0.83 17.54
C TRP B 205 35.53 -1.82 17.38
N SER B 206 35.34 -2.75 18.31
CA SER B 206 34.37 -3.81 18.09
C SER B 206 32.93 -3.26 18.17
N ASP B 207 31.98 -4.06 17.67
CA ASP B 207 30.56 -3.70 17.60
C ASP B 207 29.66 -4.87 17.97
N PRO B 208 28.59 -4.63 18.73
CA PRO B 208 27.58 -5.68 18.90
C PRO B 208 26.81 -5.90 17.60
N ASP B 209 26.24 -7.09 17.46
CA ASP B 209 25.48 -7.42 16.25
C ASP B 209 24.37 -8.41 16.60
N LYS B 210 23.14 -8.07 16.18
CA LYS B 210 21.98 -8.94 16.42
C LYS B 210 22.18 -10.33 15.82
N ASP B 211 22.77 -10.41 14.64
CA ASP B 211 22.74 -11.62 13.82
C ASP B 211 23.99 -12.49 13.94
N VAL B 212 24.85 -12.22 14.91
CA VAL B 212 26.13 -12.90 15.04
C VAL B 212 26.06 -13.87 16.21
N GLN B 213 26.46 -15.11 15.98
CA GLN B 213 26.63 -16.11 17.02
C GLN B 213 28.12 -16.17 17.38
N GLY B 214 28.46 -15.63 18.54
CA GLY B 214 29.84 -15.60 18.99
C GLY B 214 30.57 -14.38 18.45
N TRP B 215 31.72 -14.60 17.83
CA TRP B 215 32.54 -13.52 17.29
C TRP B 215 32.47 -13.56 15.77
N GLY B 216 32.11 -12.43 15.17
CA GLY B 216 31.97 -12.33 13.74
C GLY B 216 32.95 -11.32 13.18
N GLU B 217 32.98 -11.26 11.85
CA GLU B 217 33.77 -10.25 11.17
C GLU B 217 33.10 -8.90 11.30
N ASN B 218 33.92 -7.86 11.31
CA ASN B 218 33.46 -6.48 11.39
C ASN B 218 33.67 -5.81 10.05
N ASP B 219 32.60 -5.24 9.48
CA ASP B 219 32.68 -4.54 8.22
C ASP B 219 33.60 -3.33 8.24
N ARG B 220 34.01 -2.85 9.41
CA ARG B 220 34.99 -1.77 9.44
C ARG B 220 36.34 -2.18 8.88
N GLY B 221 36.61 -3.47 8.76
CA GLY B 221 37.91 -3.93 8.32
C GLY B 221 38.89 -4.15 9.44
N VAL B 222 38.45 -3.99 10.69
CA VAL B 222 39.30 -4.15 11.87
C VAL B 222 38.43 -4.72 12.98
N SER B 223 39.01 -5.58 13.82
CA SER B 223 38.33 -6.09 15.00
C SER B 223 37.10 -6.95 14.65
N PHE B 224 36.14 -7.05 15.56
CA PHE B 224 35.10 -8.06 15.50
C PHE B 224 33.72 -7.49 15.80
N THR B 225 32.72 -8.31 15.51
CA THR B 225 31.37 -8.16 16.05
C THR B 225 31.15 -9.21 17.13
N PHE B 226 30.22 -8.93 18.04
CA PHE B 226 29.90 -9.89 19.09
C PHE B 226 28.40 -9.92 19.32
N GLY B 227 27.91 -11.11 19.67
CA GLY B 227 26.48 -11.35 19.80
C GLY B 227 25.99 -11.19 21.21
N ALA B 228 24.66 -11.33 21.36
CA ALA B 228 24.04 -11.15 22.67
C ALA B 228 24.59 -12.13 23.68
N GLU B 229 24.90 -13.35 23.26
CA GLU B 229 25.36 -14.36 24.20
C GLU B 229 26.74 -14.01 24.75
N VAL B 230 27.61 -13.40 23.94
CA VAL B 230 28.91 -12.98 24.44
C VAL B 230 28.77 -11.94 25.54
N VAL B 231 27.83 -11.00 25.37
CA VAL B 231 27.59 -10.00 26.40
C VAL B 231 27.13 -10.64 27.69
N ALA B 232 26.16 -11.57 27.61
CA ALA B 232 25.62 -12.17 28.82
C ALA B 232 26.68 -12.98 29.57
N LYS B 233 27.51 -13.71 28.84
CA LYS B 233 28.58 -14.47 29.47
C LYS B 233 29.62 -13.55 30.08
N PHE B 234 29.89 -12.42 29.43
CA PHE B 234 30.84 -11.45 29.98
C PHE B 234 30.32 -10.86 31.28
N LEU B 235 29.05 -10.44 31.29
CA LEU B 235 28.46 -9.85 32.50
C LEU B 235 28.42 -10.85 33.65
N HIS B 236 28.08 -12.10 33.36
CA HIS B 236 28.00 -13.12 34.40
C HIS B 236 29.38 -13.47 34.94
N LYS B 237 30.39 -13.52 34.06
CA LYS B 237 31.73 -13.92 34.50
C LYS B 237 32.35 -12.87 35.43
N HIS B 238 32.15 -11.58 35.15
CA HIS B 238 32.74 -10.51 35.93
C HIS B 238 31.77 -9.86 36.91
N ASP B 239 30.58 -10.45 37.09
CA ASP B 239 29.57 -9.92 38.00
C ASP B 239 29.23 -8.46 37.69
N LEU B 240 29.06 -8.16 36.42
CA LEU B 240 28.67 -6.84 35.96
C LEU B 240 27.19 -6.85 35.59
N ASP B 241 26.59 -5.67 35.57
CA ASP B 241 25.19 -5.56 35.19
C ASP B 241 24.98 -4.93 33.81
N LEU B 242 25.95 -4.17 33.31
CA LEU B 242 25.73 -3.40 32.10
C LEU B 242 27.06 -3.12 31.41
N ILE B 243 27.05 -3.16 30.09
CA ILE B 243 28.11 -2.61 29.26
C ILE B 243 27.62 -1.30 28.66
N CYS B 244 28.38 -0.24 28.84
CA CYS B 244 28.04 1.06 28.29
C CYS B 244 29.11 1.45 27.29
N ARG B 245 28.74 1.60 26.02
CA ARG B 245 29.72 1.88 24.98
C ARG B 245 29.12 2.90 24.01
N ALA B 246 29.90 3.24 22.97
CA ALA B 246 29.47 4.26 22.02
C ALA B 246 29.75 3.80 20.59
N HIS B 247 30.50 4.60 19.82
CA HIS B 247 31.17 4.11 18.60
C HIS B 247 30.23 4.00 17.39
N GLN B 248 28.93 3.83 17.61
CA GLN B 248 27.96 3.70 16.52
C GLN B 248 26.83 4.71 16.69
N VAL B 249 26.55 5.46 15.61
CA VAL B 249 25.44 6.41 15.65
C VAL B 249 24.14 5.63 15.79
N VAL B 250 23.24 6.12 16.64
CA VAL B 250 21.96 5.48 16.88
C VAL B 250 20.87 6.55 16.87
N GLU B 251 19.76 6.25 16.21
CA GLU B 251 18.78 7.26 15.87
C GLU B 251 18.26 7.99 17.10
N ASP B 252 18.05 7.27 18.19
CA ASP B 252 17.49 7.85 19.41
C ASP B 252 18.55 8.35 20.38
N GLY B 253 19.83 8.35 19.99
CA GLY B 253 20.87 8.80 20.90
C GLY B 253 21.33 7.72 21.85
N TYR B 254 20.43 6.84 22.26
CA TYR B 254 20.81 5.65 23.00
C TYR B 254 20.04 4.46 22.44
N GLU B 255 20.61 3.27 22.61
CA GLU B 255 19.98 2.09 22.06
C GLU B 255 20.42 0.87 22.85
N PHE B 256 19.46 0.07 23.30
CA PHE B 256 19.74 -1.12 24.08
C PHE B 256 20.11 -2.29 23.18
N PHE B 257 20.77 -3.28 23.77
CA PHE B 257 21.17 -4.49 23.08
C PHE B 257 21.16 -5.62 24.09
N ALA B 258 20.77 -6.82 23.63
CA ALA B 258 20.79 -8.01 24.49
C ALA B 258 20.01 -7.81 25.79
N LYS B 259 18.76 -7.34 25.64
CA LYS B 259 17.83 -7.08 26.73
C LYS B 259 18.46 -6.12 27.76
N ARG B 260 18.74 -4.91 27.27
CA ARG B 260 19.28 -3.84 28.12
C ARG B 260 20.53 -4.28 28.90
N GLN B 261 21.25 -5.31 28.43
CA GLN B 261 22.52 -5.68 29.03
C GLN B 261 23.68 -4.86 28.46
N LEU B 262 23.47 -4.24 27.30
CA LEU B 262 24.43 -3.32 26.73
C LEU B 262 23.65 -2.11 26.25
N VAL B 263 24.27 -0.95 26.36
CA VAL B 263 23.69 0.28 25.83
C VAL B 263 24.73 0.99 24.98
N THR B 264 24.31 1.42 23.79
CA THR B 264 25.11 2.26 22.92
C THR B 264 24.67 3.71 23.13
N LEU B 265 25.63 4.56 23.47
CA LEU B 265 25.40 6.00 23.62
C LEU B 265 26.06 6.75 22.46
N PHE B 266 25.37 7.75 21.93
CA PHE B 266 25.91 8.60 20.88
C PHE B 266 25.46 10.03 21.16
N SER B 267 26.42 10.93 21.35
CA SER B 267 26.11 12.26 21.86
C SER B 267 26.23 13.37 20.81
N ALA B 268 26.34 13.02 19.53
CA ALA B 268 26.44 14.07 18.51
C ALA B 268 25.20 14.06 17.63
N PRO B 269 24.21 14.92 17.89
CA PRO B 269 22.99 14.92 17.07
C PRO B 269 23.26 15.43 15.66
N ASN B 270 22.46 14.93 14.71
CA ASN B 270 22.62 15.23 13.29
C ASN B 270 24.07 14.97 12.86
N TYR B 271 24.51 13.74 13.10
CA TYR B 271 25.90 13.34 12.88
C TYR B 271 26.30 13.60 11.43
N CYS B 272 27.38 14.37 11.25
CA CYS B 272 27.91 14.71 9.93
C CYS B 272 26.95 15.58 9.13
N GLY B 273 25.80 15.92 9.70
CA GLY B 273 24.73 16.51 8.94
C GLY B 273 23.98 15.55 8.05
N GLU B 274 24.41 14.29 7.97
CA GLU B 274 23.73 13.33 7.10
C GLU B 274 22.53 12.70 7.79
N PHE B 275 22.72 12.21 9.02
CA PHE B 275 21.65 11.54 9.75
C PHE B 275 20.77 12.56 10.45
N ASP B 276 19.60 12.10 10.87
CA ASP B 276 18.68 12.90 11.66
C ASP B 276 18.61 12.41 13.10
N ASN B 277 19.69 11.79 13.57
CA ASN B 277 19.71 11.17 14.89
C ASN B 277 19.74 12.21 16.00
N ALA B 278 19.18 11.83 17.14
CA ALA B 278 19.35 12.59 18.36
C ALA B 278 20.65 12.18 19.04
N GLY B 279 21.10 13.01 19.96
CA GLY B 279 22.22 12.70 20.83
C GLY B 279 21.69 12.40 22.22
N ALA B 280 22.44 11.58 22.96
CA ALA B 280 22.02 11.26 24.32
C ALA B 280 23.22 11.16 25.24
N MET B 281 22.96 11.40 26.52
CA MET B 281 23.86 11.10 27.60
CA MET B 281 23.87 11.02 27.57
C MET B 281 23.09 10.30 28.65
N MET B 282 23.79 9.47 29.39
CA MET B 282 23.18 8.64 30.43
C MET B 282 23.58 9.17 31.78
N SER B 283 22.57 9.46 32.62
CA SER B 283 22.77 9.87 34.01
C SER B 283 22.64 8.65 34.91
N VAL B 284 23.67 8.40 35.72
CA VAL B 284 23.65 7.34 36.71
C VAL B 284 23.63 8.00 38.07
N ASP B 285 22.59 7.75 38.86
CA ASP B 285 22.51 8.37 40.17
C ASP B 285 23.17 7.46 41.21
N GLU B 286 23.14 7.88 42.47
CA GLU B 286 23.91 7.22 43.51
C GLU B 286 23.45 5.80 43.78
N THR B 287 22.29 5.40 43.28
CA THR B 287 21.81 4.03 43.45
C THR B 287 21.96 3.18 42.19
N LEU B 288 22.67 3.67 41.18
CA LEU B 288 22.81 2.99 39.88
C LEU B 288 21.48 2.91 39.14
N MET B 289 20.61 3.87 39.40
CA MET B 289 19.43 4.09 38.57
C MET B 289 19.83 4.96 37.38
N CYS B 290 19.61 4.45 36.18
CA CYS B 290 20.09 5.10 34.97
C CYS B 290 18.93 5.71 34.19
N SER B 291 19.12 6.92 33.72
CA SER B 291 18.14 7.58 32.87
C SER B 291 18.88 8.27 31.73
N PHE B 292 18.12 8.65 30.70
CA PHE B 292 18.73 9.18 29.49
C PHE B 292 18.26 10.60 29.25
N GLN B 293 19.22 11.50 29.02
CA GLN B 293 18.95 12.88 28.67
CA GLN B 293 18.95 12.88 28.67
C GLN B 293 19.22 13.07 27.18
N ILE B 294 18.23 13.54 26.45
CA ILE B 294 18.25 13.59 25.00
C ILE B 294 18.60 15.00 24.53
N LEU B 295 19.46 15.07 23.52
CA LEU B 295 19.75 16.30 22.79
C LEU B 295 19.02 16.22 21.46
N LYS B 296 18.08 17.09 21.26
CA LYS B 296 17.46 16.99 19.94
C LYS B 296 18.26 17.80 18.93
N PRO B 297 18.19 17.44 17.64
CA PRO B 297 18.92 18.20 16.60
C PRO B 297 18.54 19.68 16.53
N ARG B 316 -6.00 18.57 23.62
CA ARG B 316 -7.06 18.67 22.62
C ARG B 316 -6.49 19.02 21.24
N PRO B 317 -6.83 18.21 20.24
CA PRO B 317 -6.37 18.48 18.88
C PRO B 317 -7.01 19.74 18.31
N ILE B 318 -6.36 20.28 17.29
CA ILE B 318 -6.85 21.51 16.66
C ILE B 318 -8.02 21.18 15.74
N THR B 319 -9.07 22.00 15.79
CA THR B 319 -10.25 21.75 14.99
C THR B 319 -10.05 22.21 13.55
N PRO B 320 -10.76 21.62 12.60
CA PRO B 320 -10.65 22.06 11.21
C PRO B 320 -11.27 23.43 11.04
N PRO B 321 -10.93 24.15 9.97
CA PRO B 321 -11.57 25.45 9.72
C PRO B 321 -13.04 25.29 9.36
N ARG B 322 -13.79 26.34 9.63
CA ARG B 322 -15.21 26.40 9.30
C ARG B 322 -15.41 26.81 7.84
N ASN B 323 -16.63 26.62 7.35
CA ASN B 323 -17.01 26.91 5.97
C ASN B 323 -16.12 26.15 4.99
N MET C 6 23.99 -2.82 45.50
CA MET C 6 23.63 -1.94 44.38
C MET C 6 23.54 -2.69 43.06
N ARG C 7 22.43 -2.51 42.36
CA ARG C 7 22.23 -3.09 41.04
C ARG C 7 21.82 -2.00 40.07
N VAL C 8 22.22 -2.16 38.81
CA VAL C 8 21.85 -1.21 37.76
C VAL C 8 20.36 -1.36 37.46
N LYS C 9 19.64 -0.25 37.49
CA LYS C 9 18.23 -0.21 37.13
C LYS C 9 18.02 0.94 36.16
N PHE C 10 17.04 0.80 35.28
CA PHE C 10 16.72 1.87 34.35
C PHE C 10 15.45 2.58 34.80
N ASN C 11 15.28 3.80 34.33
CA ASN C 11 14.14 4.62 34.69
C ASN C 11 12.85 3.88 34.37
N PRO C 12 11.84 3.93 35.24
CA PRO C 12 10.59 3.20 34.97
C PRO C 12 9.96 3.52 33.64
N LEU C 13 9.87 4.81 33.27
CA LEU C 13 9.32 5.17 31.97
C LEU C 13 10.16 4.58 30.85
N ALA C 14 11.49 4.66 30.98
CA ALA C 14 12.36 4.04 29.99
C ALA C 14 12.17 2.53 29.92
N LEU C 15 11.85 1.91 31.06
CA LEU C 15 11.57 0.48 31.08
C LEU C 15 10.21 0.15 30.44
N LEU C 16 9.19 0.97 30.72
CA LEU C 16 7.87 0.77 30.12
C LEU C 16 7.93 0.86 28.60
N LEU C 17 8.62 1.89 28.08
CA LEU C 17 8.74 2.05 26.64
C LEU C 17 9.49 0.88 26.01
N ASP C 18 10.66 0.52 26.56
CA ASP C 18 11.48 -0.51 25.93
C ASP C 18 10.87 -1.90 26.05
N SER C 19 10.28 -2.21 27.21
CA SER C 19 9.60 -3.51 27.33
C SER C 19 8.41 -3.59 26.38
N SER C 20 7.71 -2.49 26.17
CA SER C 20 6.59 -2.51 25.21
C SER C 20 7.10 -2.69 23.79
N LEU C 21 8.28 -2.16 23.48
CA LEU C 21 8.84 -2.24 22.15
C LEU C 21 9.35 -3.64 21.85
N GLU C 22 9.92 -4.32 22.84
CA GLU C 22 10.58 -5.60 22.63
C GLU C 22 9.70 -6.79 22.99
N GLY C 23 8.47 -6.57 23.46
CA GLY C 23 7.57 -7.67 23.71
C GLY C 23 7.72 -8.33 25.06
N GLU C 24 8.30 -7.64 26.04
CA GLU C 24 8.45 -8.19 27.39
C GLU C 24 7.16 -7.89 28.16
N PHE C 25 6.15 -8.69 27.85
CA PHE C 25 4.82 -8.47 28.42
C PHE C 25 4.85 -8.59 29.94
N ASP C 26 5.58 -9.58 30.47
CA ASP C 26 5.70 -9.72 31.92
C ASP C 26 6.23 -8.44 32.55
N LEU C 27 7.26 -7.84 31.95
CA LEU C 27 7.80 -6.59 32.47
C LEU C 27 6.79 -5.45 32.36
N VAL C 28 6.07 -5.38 31.24
CA VAL C 28 5.07 -4.32 31.07
C VAL C 28 4.07 -4.33 32.21
N GLN C 29 3.56 -5.52 32.56
CA GLN C 29 2.52 -5.61 33.60
C GLN C 29 3.01 -5.11 34.94
N ARG C 30 4.28 -5.37 35.27
CA ARG C 30 4.81 -4.93 36.56
C ARG C 30 5.20 -3.46 36.53
N ILE C 31 5.96 -3.04 35.52
CA ILE C 31 6.53 -1.70 35.50
C ILE C 31 5.48 -0.63 35.27
N ILE C 32 4.35 -0.97 34.66
CA ILE C 32 3.33 0.04 34.39
C ILE C 32 2.74 0.61 35.68
N TYR C 33 2.81 -0.14 36.78
CA TYR C 33 2.34 0.37 38.06
C TYR C 33 3.38 1.23 38.77
N GLU C 34 4.61 1.29 38.25
CA GLU C 34 5.64 2.17 38.79
C GLU C 34 5.83 3.43 37.96
N VAL C 35 5.10 3.57 36.87
CA VAL C 35 5.11 4.77 36.05
C VAL C 35 4.10 5.76 36.63
N ASP C 36 4.48 7.04 36.67
CA ASP C 36 3.55 8.06 37.15
C ASP C 36 2.30 8.09 36.28
N ASP C 37 2.48 8.16 34.96
CA ASP C 37 1.38 8.13 34.00
C ASP C 37 1.82 7.27 32.81
N PRO C 38 1.14 6.15 32.55
CA PRO C 38 1.58 5.26 31.47
C PRO C 38 1.40 5.83 30.07
N SER C 39 0.81 7.03 29.95
CA SER C 39 0.67 7.71 28.66
C SER C 39 1.76 8.75 28.41
N LEU C 40 2.72 8.88 29.32
CA LEU C 40 3.73 9.92 29.15
C LEU C 40 4.69 9.53 28.04
N PRO C 41 4.95 10.40 27.08
CA PRO C 41 5.80 10.03 25.94
C PRO C 41 7.29 10.25 26.22
N ASN C 42 8.12 9.93 25.24
CA ASN C 42 9.53 10.27 25.31
C ASN C 42 9.70 11.70 24.76
N ASP C 43 10.91 12.07 24.36
CA ASP C 43 11.16 13.41 23.88
C ASP C 43 10.63 13.65 22.49
N GLU C 44 10.13 12.63 21.80
CA GLU C 44 9.56 12.79 20.47
C GLU C 44 8.05 12.55 20.44
N GLY C 45 7.43 12.28 21.59
CA GLY C 45 6.01 12.01 21.63
C GLY C 45 5.63 10.55 21.52
N ILE C 46 6.57 9.63 21.68
CA ILE C 46 6.30 8.20 21.54
C ILE C 46 5.91 7.65 22.91
N THR C 47 4.73 7.05 22.99
CA THR C 47 4.26 6.38 24.19
C THR C 47 4.47 4.87 24.08
N ALA C 48 4.27 4.19 25.20
CA ALA C 48 4.37 2.74 25.22
C ALA C 48 3.41 2.10 24.22
N LEU C 49 2.18 2.61 24.11
CA LEU C 49 1.24 2.05 23.15
C LEU C 49 1.72 2.25 21.71
N HIS C 50 2.40 3.36 21.43
CA HIS C 50 3.04 3.53 20.12
C HIS C 50 4.00 2.39 19.84
N ASN C 51 4.91 2.13 20.78
CA ASN C 51 5.91 1.07 20.60
C ASN C 51 5.25 -0.30 20.43
N ALA C 52 4.26 -0.61 21.27
CA ALA C 52 3.58 -1.91 21.16
C ALA C 52 2.93 -2.08 19.79
N VAL C 53 2.32 -1.01 19.27
CA VAL C 53 1.64 -1.10 17.98
C VAL C 53 2.66 -1.31 16.87
N CYS C 54 3.72 -0.49 16.84
CA CYS C 54 4.71 -0.58 15.77
C CYS C 54 5.44 -1.92 15.79
N ALA C 55 5.57 -2.54 16.96
CA ALA C 55 6.28 -3.80 17.05
C ALA C 55 5.35 -5.01 16.93
N GLY C 56 4.05 -4.79 16.75
CA GLY C 56 3.13 -5.90 16.55
C GLY C 56 2.84 -6.73 17.78
N HIS C 57 3.07 -6.18 18.97
CA HIS C 57 2.82 -6.91 20.22
C HIS C 57 1.36 -6.72 20.62
N THR C 58 0.49 -7.49 19.94
CA THR C 58 -0.95 -7.30 20.05
C THR C 58 -1.44 -7.49 21.49
N GLU C 59 -0.93 -8.49 22.20
CA GLU C 59 -1.37 -8.68 23.58
C GLU C 59 -1.03 -7.48 24.45
N ILE C 60 0.16 -6.90 24.23
CA ILE C 60 0.54 -5.72 25.00
C ILE C 60 -0.32 -4.52 24.60
N VAL C 61 -0.55 -4.35 23.30
CA VAL C 61 -1.50 -3.34 22.83
C VAL C 61 -2.81 -3.45 23.59
N LYS C 62 -3.42 -4.64 23.59
CA LYS C 62 -4.69 -4.84 24.27
C LYS C 62 -4.57 -4.52 25.76
N PHE C 63 -3.49 -4.97 26.39
CA PHE C 63 -3.31 -4.69 27.81
C PHE C 63 -3.25 -3.18 28.06
N LEU C 64 -2.38 -2.48 27.34
CA LEU C 64 -2.24 -1.04 27.56
C LEU C 64 -3.56 -0.31 27.31
N VAL C 65 -4.28 -0.72 26.27
CA VAL C 65 -5.59 -0.10 25.99
C VAL C 65 -6.58 -0.40 27.12
N GLN C 66 -6.57 -1.65 27.63
CA GLN C 66 -7.47 -2.01 28.73
C GLN C 66 -7.10 -1.28 30.01
N PHE C 67 -5.82 -0.98 30.19
CA PHE C 67 -5.36 -0.26 31.37
C PHE C 67 -5.85 1.17 31.41
N GLY C 68 -6.25 1.74 30.27
CA GLY C 68 -6.75 3.10 30.22
C GLY C 68 -5.81 4.10 29.60
N VAL C 69 -4.76 3.64 28.93
CA VAL C 69 -3.79 4.52 28.31
C VAL C 69 -4.45 5.35 27.22
N ASN C 70 -3.89 6.53 26.95
CA ASN C 70 -4.38 7.38 25.89
C ASN C 70 -4.24 6.71 24.53
N VAL C 71 -5.37 6.26 23.96
CA VAL C 71 -5.37 5.59 22.67
C VAL C 71 -5.08 6.54 21.52
N ASN C 72 -5.23 7.85 21.73
CA ASN C 72 -5.05 8.84 20.68
C ASN C 72 -3.83 9.72 20.91
N ALA C 73 -2.91 9.29 21.76
CA ALA C 73 -1.69 10.05 22.00
C ALA C 73 -0.94 10.31 20.70
N ALA C 74 -0.60 11.57 20.45
CA ALA C 74 0.05 11.98 19.22
C ALA C 74 1.53 12.28 19.47
N ASP C 75 2.38 11.90 18.53
CA ASP C 75 3.81 12.12 18.64
C ASP C 75 4.12 13.53 18.12
N SER C 76 5.41 13.80 17.84
CA SER C 76 5.81 15.13 17.41
C SER C 76 5.21 15.51 16.05
N ASP C 77 4.94 14.52 15.22
CA ASP C 77 4.33 14.75 13.91
C ASP C 77 2.84 14.45 13.91
N GLY C 78 2.24 14.22 15.08
CA GLY C 78 0.83 13.91 15.15
C GLY C 78 0.45 12.48 14.84
N TRP C 79 1.41 11.55 14.91
CA TRP C 79 1.13 10.15 14.67
C TRP C 79 0.46 9.54 15.89
N THR C 80 -0.75 9.03 15.71
CA THR C 80 -1.45 8.29 16.74
C THR C 80 -1.10 6.82 16.64
N PRO C 81 -1.40 6.03 17.68
CA PRO C 81 -1.30 4.56 17.53
C PRO C 81 -2.05 4.03 16.32
N LEU C 82 -3.17 4.65 15.94
CA LEU C 82 -3.88 4.20 14.76
C LEU C 82 -3.07 4.50 13.48
N HIS C 83 -2.42 5.66 13.43
CA HIS C 83 -1.50 5.93 12.32
C HIS C 83 -0.43 4.85 12.23
N CYS C 84 0.11 4.41 13.36
CA CYS C 84 1.18 3.43 13.34
C CYS C 84 0.68 2.08 12.86
N ALA C 85 -0.45 1.62 13.41
CA ALA C 85 -1.02 0.36 12.97
C ALA C 85 -1.32 0.38 11.48
N ALA C 86 -1.73 1.54 10.97
CA ALA C 86 -2.04 1.67 9.55
C ALA C 86 -0.79 1.57 8.69
N SER C 87 0.31 2.21 9.12
CA SER C 87 1.56 2.14 8.39
C SER C 87 2.15 0.74 8.38
N CYS C 88 1.80 -0.09 9.36
CA CYS C 88 2.14 -1.51 9.34
C CYS C 88 1.08 -2.38 8.64
N ASN C 89 0.05 -1.77 8.06
CA ASN C 89 -1.02 -2.51 7.39
C ASN C 89 -1.62 -3.57 8.32
N ASN C 90 -1.64 -3.27 9.61
CA ASN C 90 -2.12 -4.21 10.64
C ASN C 90 -3.62 -3.99 10.82
N VAL C 91 -4.42 -4.71 10.03
CA VAL C 91 -5.85 -4.48 10.07
C VAL C 91 -6.45 -4.95 11.40
N GLN C 92 -5.88 -5.99 12.01
CA GLN C 92 -6.42 -6.46 13.28
C GLN C 92 -6.21 -5.43 14.40
N VAL C 93 -5.02 -4.83 14.47
CA VAL C 93 -4.79 -3.80 15.48
C VAL C 93 -5.60 -2.54 15.17
N CYS C 94 -5.62 -2.13 13.89
CA CYS C 94 -6.48 -1.03 13.47
C CYS C 94 -7.91 -1.24 13.94
N LYS C 95 -8.46 -2.42 13.68
CA LYS C 95 -9.84 -2.68 14.09
C LYS C 95 -9.99 -2.59 15.60
N PHE C 96 -9.04 -3.15 16.35
CA PHE C 96 -9.14 -3.11 17.79
C PHE C 96 -9.00 -1.68 18.32
N LEU C 97 -8.11 -0.90 17.71
CA LEU C 97 -7.96 0.49 18.13
C LEU C 97 -9.22 1.30 17.86
N VAL C 98 -9.86 1.07 16.70
CA VAL C 98 -11.06 1.83 16.35
C VAL C 98 -12.18 1.50 17.33
N GLU C 99 -12.30 0.23 17.72
CA GLU C 99 -13.25 -0.21 18.74
C GLU C 99 -12.89 0.28 20.14
N SER C 100 -11.76 0.94 20.31
CA SER C 100 -11.30 1.38 21.61
C SER C 100 -11.22 2.90 21.72
N GLY C 101 -11.85 3.61 20.80
CA GLY C 101 -11.90 5.06 20.85
C GLY C 101 -10.86 5.78 20.03
N ALA C 102 -10.29 5.15 19.01
CA ALA C 102 -9.31 5.80 18.16
C ALA C 102 -9.96 6.89 17.32
N ALA C 103 -9.26 8.01 17.20
CA ALA C 103 -9.75 9.16 16.43
C ALA C 103 -9.53 8.88 14.96
N VAL C 104 -10.61 8.45 14.28
CA VAL C 104 -10.49 7.96 12.90
C VAL C 104 -9.92 9.03 11.97
N PHE C 105 -10.37 10.28 12.12
CA PHE C 105 -9.97 11.35 11.23
C PHE C 105 -8.87 12.23 11.82
N ALA C 106 -8.18 11.75 12.84
CA ALA C 106 -6.99 12.43 13.33
C ALA C 106 -5.96 12.55 12.22
N MET C 107 -5.36 13.73 12.10
CA MET C 107 -4.43 14.01 11.02
C MET C 107 -3.02 14.26 11.55
N THR C 108 -2.04 13.84 10.76
CA THR C 108 -0.66 14.19 11.02
C THR C 108 -0.44 15.68 10.74
N TYR C 109 0.60 16.24 11.35
CA TYR C 109 0.81 17.68 11.28
C TYR C 109 1.36 18.11 9.93
N SER C 110 2.45 17.47 9.47
CA SER C 110 3.18 17.93 8.31
C SER C 110 2.49 17.64 6.99
N ASP C 111 1.47 16.78 6.97
CA ASP C 111 0.80 16.45 5.72
C ASP C 111 -0.71 16.27 5.85
N MET C 112 -1.28 16.44 7.04
CA MET C 112 -2.73 16.39 7.26
C MET C 112 -3.34 15.08 6.77
N GLN C 113 -2.65 13.97 7.03
CA GLN C 113 -3.08 12.66 6.58
C GLN C 113 -3.69 11.86 7.74
N THR C 114 -4.79 11.16 7.45
CA THR C 114 -5.39 10.27 8.43
C THR C 114 -4.67 8.93 8.45
N ALA C 115 -5.13 8.02 9.31
CA ALA C 115 -4.50 6.71 9.38
C ALA C 115 -4.65 5.96 8.06
N ALA C 116 -5.84 6.04 7.45
CA ALA C 116 -6.07 5.36 6.18
C ALA C 116 -5.03 5.75 5.13
N ASP C 117 -4.63 7.03 5.11
CA ASP C 117 -3.59 7.47 4.19
C ASP C 117 -2.22 6.87 4.49
N LYS C 118 -2.01 6.35 5.71
CA LYS C 118 -0.71 5.84 6.09
C LYS C 118 -0.47 4.40 5.66
N CYS C 119 -1.49 3.69 5.18
CA CYS C 119 -1.29 2.32 4.71
C CYS C 119 -0.24 2.29 3.60
N GLU C 120 0.62 1.28 3.63
CA GLU C 120 1.78 1.21 2.75
C GLU C 120 1.47 0.35 1.54
N GLU C 121 1.41 0.98 0.36
CA GLU C 121 0.95 0.33 -0.86
C GLU C 121 1.82 -0.84 -1.26
N MET C 122 3.13 -0.75 -1.03
CA MET C 122 4.07 -1.79 -1.45
C MET C 122 4.31 -2.84 -0.38
N GLU C 123 3.63 -2.77 0.75
CA GLU C 123 3.85 -3.69 1.84
C GLU C 123 2.69 -4.69 1.96
N GLU C 124 2.99 -5.81 2.61
CA GLU C 124 2.04 -6.88 2.79
C GLU C 124 0.83 -6.42 3.61
N GLY C 125 -0.34 -6.93 3.27
CA GLY C 125 -1.54 -6.63 4.01
C GLY C 125 -2.18 -5.30 3.66
N TYR C 126 -1.71 -4.66 2.58
CA TYR C 126 -2.17 -3.32 2.27
C TYR C 126 -3.61 -3.30 1.79
N THR C 127 -4.01 -4.29 0.98
CA THR C 127 -5.37 -4.29 0.45
C THR C 127 -6.40 -4.33 1.58
N GLN C 128 -6.25 -5.28 2.50
CA GLN C 128 -7.23 -5.45 3.55
C GLN C 128 -7.25 -4.26 4.52
N CYS C 129 -6.07 -3.76 4.90
CA CYS C 129 -6.04 -2.68 5.89
C CYS C 129 -6.53 -1.37 5.31
N SER C 130 -6.15 -1.05 4.07
CA SER C 130 -6.61 0.20 3.48
C SER C 130 -8.11 0.15 3.18
N GLN C 131 -8.60 -1.00 2.74
CA GLN C 131 -10.04 -1.11 2.50
C GLN C 131 -10.83 -0.99 3.81
N PHE C 132 -10.30 -1.52 4.91
CA PHE C 132 -10.96 -1.39 6.19
C PHE C 132 -10.98 0.06 6.67
N LEU C 133 -9.82 0.72 6.68
CA LEU C 133 -9.75 2.07 7.23
C LEU C 133 -10.51 3.06 6.36
N TYR C 134 -10.45 2.91 5.03
CA TYR C 134 -11.24 3.79 4.18
C TYR C 134 -12.72 3.46 4.27
N GLY C 135 -13.05 2.19 4.50
CA GLY C 135 -14.45 1.85 4.74
C GLY C 135 -14.98 2.49 6.00
N VAL C 136 -14.15 2.58 7.03
CA VAL C 136 -14.56 3.25 8.27
C VAL C 136 -14.74 4.73 8.03
N GLN C 137 -13.81 5.37 7.32
CA GLN C 137 -13.94 6.80 7.07
C GLN C 137 -15.20 7.12 6.29
N GLU C 138 -15.63 6.22 5.40
CA GLU C 138 -16.82 6.48 4.59
C GLU C 138 -18.10 6.07 5.30
N LYS C 139 -18.05 5.14 6.24
CA LYS C 139 -19.23 4.64 6.94
C LYS C 139 -19.41 5.24 8.33
N MET C 140 -18.36 5.82 8.91
CA MET C 140 -18.49 6.46 10.21
C MET C 140 -19.48 7.60 10.12
N GLY C 141 -20.38 7.69 11.10
CA GLY C 141 -21.44 8.67 11.07
C GLY C 141 -22.69 8.21 10.37
N ILE C 142 -22.62 7.11 9.62
CA ILE C 142 -23.75 6.53 8.93
C ILE C 142 -24.13 5.17 9.52
N MET C 143 -23.14 4.30 9.72
CA MET C 143 -23.41 2.98 10.29
C MET C 143 -23.81 3.13 11.76
N ASN C 144 -24.29 2.02 12.33
CA ASN C 144 -24.67 1.96 13.74
C ASN C 144 -25.70 3.04 14.09
N LYS C 145 -26.64 3.27 13.17
CA LYS C 145 -27.61 4.36 13.27
C LYS C 145 -26.92 5.71 13.48
N GLY C 146 -25.74 5.88 12.89
CA GLY C 146 -25.01 7.13 12.98
C GLY C 146 -24.55 7.52 14.37
N VAL C 147 -24.38 6.56 15.27
CA VAL C 147 -23.94 6.83 16.63
C VAL C 147 -22.43 7.05 16.64
N ILE C 148 -22.01 8.21 17.16
CA ILE C 148 -20.61 8.62 17.26
C ILE C 148 -20.32 9.00 18.70
N TYR C 149 -19.05 8.91 19.10
CA TYR C 149 -18.64 9.28 20.45
C TYR C 149 -17.58 10.36 20.42
N ALA C 150 -17.75 11.37 21.28
CA ALA C 150 -16.72 12.39 21.45
C ALA C 150 -15.52 11.81 22.17
N LEU C 151 -14.32 12.16 21.70
CA LEU C 151 -13.08 11.71 22.32
C LEU C 151 -12.35 12.82 23.06
N TRP C 152 -12.84 14.05 23.00
CA TRP C 152 -12.30 15.16 23.75
C TRP C 152 -13.45 16.08 24.14
N ASP C 153 -13.17 16.97 25.09
CA ASP C 153 -14.08 18.08 25.36
C ASP C 153 -13.87 19.17 24.33
N TYR C 154 -14.97 19.84 23.95
CA TYR C 154 -14.89 20.92 22.98
C TYR C 154 -15.88 22.02 23.37
N GLU C 155 -15.34 23.18 23.76
CA GLU C 155 -16.15 24.39 23.91
C GLU C 155 -16.31 25.06 22.55
N PRO C 156 -17.54 25.36 22.12
CA PRO C 156 -17.74 25.90 20.77
C PRO C 156 -17.11 27.27 20.62
N GLN C 157 -16.65 27.55 19.41
CA GLN C 157 -16.20 28.87 19.01
C GLN C 157 -17.24 29.60 18.15
N ASN C 158 -18.36 28.96 17.85
CA ASN C 158 -19.43 29.55 17.09
C ASN C 158 -20.76 29.15 17.71
N ASP C 159 -21.80 29.94 17.46
CA ASP C 159 -23.11 29.68 18.03
C ASP C 159 -23.74 28.39 17.52
N ASP C 160 -23.36 27.95 16.33
CA ASP C 160 -23.95 26.78 15.70
C ASP C 160 -23.13 25.51 15.96
N GLU C 161 -22.25 25.53 16.95
CA GLU C 161 -21.41 24.38 17.29
C GLU C 161 -21.85 23.79 18.62
N LEU C 162 -21.77 22.46 18.71
CA LEU C 162 -22.23 21.73 19.90
C LEU C 162 -21.14 21.66 20.96
N PRO C 163 -21.52 21.88 22.23
CA PRO C 163 -20.59 21.57 23.32
C PRO C 163 -20.46 20.06 23.50
N MET C 164 -19.23 19.62 23.71
CA MET C 164 -18.93 18.20 23.82
C MET C 164 -18.16 17.92 25.10
N LYS C 165 -18.55 16.87 25.80
CA LYS C 165 -17.75 16.26 26.85
C LYS C 165 -17.30 14.88 26.38
N GLU C 166 -16.06 14.51 26.76
CA GLU C 166 -15.50 13.24 26.33
C GLU C 166 -16.40 12.07 26.75
N GLY C 167 -16.76 11.24 25.78
CA GLY C 167 -17.68 10.15 26.01
C GLY C 167 -19.12 10.46 25.68
N ASP C 168 -19.41 11.65 25.19
CA ASP C 168 -20.78 11.98 24.81
C ASP C 168 -21.22 11.12 23.63
N CYS C 169 -22.45 10.65 23.71
CA CYS C 169 -23.05 9.83 22.67
C CYS C 169 -23.99 10.70 21.85
N MET C 170 -23.68 10.87 20.57
CA MET C 170 -24.49 11.71 19.72
C MET C 170 -24.78 10.99 18.40
N THR C 171 -25.84 11.44 17.73
CA THR C 171 -26.25 10.87 16.46
C THR C 171 -25.91 11.86 15.34
N ILE C 172 -25.26 11.35 14.29
CA ILE C 172 -24.89 12.20 13.17
C ILE C 172 -26.10 12.37 12.27
N ILE C 173 -26.50 13.62 12.05
CA ILE C 173 -27.65 13.89 11.18
C ILE C 173 -27.22 13.89 9.72
N HIS C 174 -26.08 14.51 9.41
CA HIS C 174 -25.53 14.36 8.07
C HIS C 174 -24.04 14.66 8.10
N ARG C 175 -23.32 13.97 7.21
CA ARG C 175 -21.90 14.22 6.95
C ARG C 175 -21.75 15.00 5.67
N GLU C 176 -20.84 15.97 5.68
CA GLU C 176 -20.38 16.68 4.48
C GLU C 176 -21.56 17.12 3.62
N ASP C 177 -22.35 18.03 4.19
CA ASP C 177 -23.54 18.55 3.54
C ASP C 177 -23.31 20.02 3.18
N GLU C 178 -23.29 20.30 1.87
CA GLU C 178 -23.23 21.66 1.34
C GLU C 178 -21.98 22.40 1.78
N ASP C 179 -22.10 23.24 2.82
CA ASP C 179 -21.02 24.14 3.16
C ASP C 179 -19.84 23.42 3.80
N GLU C 180 -20.11 22.48 4.70
CA GLU C 180 -19.07 21.84 5.49
C GLU C 180 -18.76 20.43 4.99
N ILE C 181 -17.54 19.98 5.32
CA ILE C 181 -17.06 18.66 4.96
C ILE C 181 -16.39 18.03 6.17
N GLU C 182 -15.60 18.83 6.89
CA GLU C 182 -14.91 18.35 8.09
C GLU C 182 -15.70 18.57 9.36
N TRP C 183 -16.82 19.29 9.28
CA TRP C 183 -17.74 19.46 10.41
C TRP C 183 -19.05 18.75 10.07
N TRP C 184 -19.58 18.00 11.04
CA TRP C 184 -20.79 17.22 10.86
C TRP C 184 -21.91 17.77 11.74
N TRP C 185 -23.13 17.76 11.21
CA TRP C 185 -24.30 18.15 11.99
C TRP C 185 -24.77 16.95 12.80
N ALA C 186 -24.73 17.07 14.12
CA ALA C 186 -25.05 15.99 15.02
C ALA C 186 -26.17 16.40 15.97
N ARG C 187 -26.75 15.41 16.63
CA ARG C 187 -27.73 15.61 17.69
C ARG C 187 -27.17 15.03 18.97
N LEU C 188 -27.07 15.85 20.00
CA LEU C 188 -26.68 15.42 21.33
C LEU C 188 -27.79 15.80 22.29
N ASN C 189 -28.40 14.80 22.92
CA ASN C 189 -29.59 14.98 23.76
C ASN C 189 -30.67 15.59 22.87
N ASP C 190 -31.16 16.80 23.16
CA ASP C 190 -32.19 17.43 22.35
C ASP C 190 -31.66 18.61 21.54
N LYS C 191 -30.34 18.81 21.51
CA LYS C 191 -29.71 19.91 20.81
C LYS C 191 -28.98 19.40 19.57
N GLU C 192 -28.92 20.25 18.55
CA GLU C 192 -28.27 19.92 17.29
C GLU C 192 -27.27 21.00 16.91
N GLY C 193 -26.25 20.61 16.18
CA GLY C 193 -25.20 21.53 15.80
C GLY C 193 -24.03 20.81 15.19
N TYR C 194 -23.02 21.60 14.83
CA TYR C 194 -21.83 21.10 14.17
C TYR C 194 -20.82 20.56 15.16
N VAL C 195 -20.15 19.48 14.79
CA VAL C 195 -19.11 18.87 15.62
C VAL C 195 -17.89 18.63 14.75
N PRO C 196 -16.67 18.79 15.28
CA PRO C 196 -15.48 18.55 14.45
C PRO C 196 -15.19 17.06 14.34
N ARG C 197 -14.99 16.59 13.11
CA ARG C 197 -14.95 15.15 12.89
C ARG C 197 -13.68 14.51 13.46
N ASN C 198 -12.58 15.27 13.55
CA ASN C 198 -11.32 14.74 14.06
C ASN C 198 -11.30 14.57 15.57
N LEU C 199 -12.37 14.95 16.27
CA LEU C 199 -12.51 14.71 17.69
C LEU C 199 -13.41 13.53 18.00
N LEU C 200 -13.97 12.89 16.98
CA LEU C 200 -14.99 11.87 17.14
C LEU C 200 -14.43 10.48 16.85
N GLY C 201 -15.02 9.48 17.52
CA GLY C 201 -14.71 8.10 17.23
C GLY C 201 -15.98 7.30 17.03
N LEU C 202 -15.81 6.14 16.41
CA LEU C 202 -16.91 5.18 16.26
C LEU C 202 -17.35 4.63 17.61
N TYR C 203 -16.41 4.44 18.52
CA TYR C 203 -16.66 3.94 19.86
C TYR C 203 -15.92 4.84 20.85
N PRO C 204 -16.35 4.88 22.10
CA PRO C 204 -15.73 5.79 23.07
C PRO C 204 -14.44 5.23 23.64
N ARG C 205 -13.68 6.09 24.32
CA ARG C 205 -12.46 5.64 24.98
C ARG C 205 -12.79 4.63 26.08
N ILE C 206 -11.77 3.90 26.51
CA ILE C 206 -11.88 2.99 27.65
C ILE C 206 -11.36 3.71 28.89
N LYS C 207 -12.13 3.67 29.97
CA LYS C 207 -11.73 4.28 31.22
C LYS C 207 -11.22 3.23 32.21
N MET D 6 -24.45 -29.02 -6.64
CA MET D 6 -24.06 -28.31 -7.86
C MET D 6 -24.28 -26.79 -7.75
N ARG D 7 -23.20 -26.03 -7.89
CA ARG D 7 -23.23 -24.59 -7.67
C ARG D 7 -22.80 -23.83 -8.91
N VAL D 8 -23.21 -22.58 -8.98
CA VAL D 8 -22.78 -21.69 -10.06
C VAL D 8 -21.34 -21.27 -9.81
N LYS D 9 -20.51 -21.35 -10.83
CA LYS D 9 -19.18 -20.78 -10.75
C LYS D 9 -18.85 -20.15 -12.08
N PHE D 10 -18.02 -19.12 -12.03
CA PHE D 10 -17.61 -18.43 -13.23
C PHE D 10 -16.26 -18.95 -13.69
N ASN D 11 -16.00 -18.79 -14.98
CA ASN D 11 -14.74 -19.21 -15.57
C ASN D 11 -13.56 -18.64 -14.77
N PRO D 12 -12.61 -19.46 -14.35
CA PRO D 12 -11.52 -18.95 -13.49
C PRO D 12 -10.75 -17.78 -14.10
N LEU D 13 -10.51 -17.80 -15.41
CA LEU D 13 -9.87 -16.65 -16.04
C LEU D 13 -10.72 -15.40 -15.88
N ALA D 14 -12.04 -15.54 -16.07
CA ALA D 14 -12.94 -14.41 -15.84
C ALA D 14 -12.90 -13.95 -14.39
N LEU D 15 -12.68 -14.88 -13.45
CA LEU D 15 -12.55 -14.54 -12.04
C LEU D 15 -11.23 -13.81 -11.76
N LEU D 16 -10.15 -14.24 -12.41
CA LEU D 16 -8.86 -13.58 -12.23
C LEU D 16 -8.89 -12.14 -12.73
N LEU D 17 -9.48 -11.92 -13.89
CA LEU D 17 -9.57 -10.57 -14.44
C LEU D 17 -10.43 -9.67 -13.55
N ASP D 18 -11.60 -10.18 -13.15
CA ASP D 18 -12.53 -9.33 -12.40
C ASP D 18 -12.02 -9.06 -10.99
N SER D 19 -11.51 -10.08 -10.30
CA SER D 19 -11.00 -9.87 -8.94
C SER D 19 -9.77 -8.96 -8.94
N SER D 20 -8.94 -9.05 -9.98
CA SER D 20 -7.81 -8.13 -10.10
C SER D 20 -8.28 -6.72 -10.36
N LEU D 21 -9.38 -6.57 -11.12
CA LEU D 21 -9.90 -5.23 -11.38
C LEU D 21 -10.60 -4.66 -10.17
N GLU D 22 -11.25 -5.52 -9.37
CA GLU D 22 -12.10 -5.09 -8.28
C GLU D 22 -11.37 -5.00 -6.95
N GLY D 23 -10.15 -5.52 -6.86
CA GLY D 23 -9.37 -5.42 -5.64
C GLY D 23 -9.60 -6.53 -4.64
N GLU D 24 -10.17 -7.67 -5.06
CA GLU D 24 -10.39 -8.81 -4.19
C GLU D 24 -9.13 -9.66 -4.18
N PHE D 25 -8.14 -9.20 -3.41
CA PHE D 25 -6.84 -9.86 -3.36
C PHE D 25 -6.95 -11.29 -2.86
N ASP D 26 -7.83 -11.55 -1.88
CA ASP D 26 -8.01 -12.89 -1.35
C ASP D 26 -8.41 -13.88 -2.45
N LEU D 27 -9.31 -13.47 -3.35
CA LEU D 27 -9.72 -14.36 -4.43
C LEU D 27 -8.61 -14.49 -5.47
N VAL D 28 -7.88 -13.41 -5.75
CA VAL D 28 -6.77 -13.49 -6.69
C VAL D 28 -5.79 -14.58 -6.27
N GLN D 29 -5.49 -14.68 -4.97
CA GLN D 29 -4.51 -15.66 -4.52
C GLN D 29 -5.01 -17.09 -4.69
N ARG D 30 -6.32 -17.30 -4.57
CA ARG D 30 -6.87 -18.64 -4.74
C ARG D 30 -7.03 -18.98 -6.22
N ILE D 31 -7.73 -18.12 -6.96
CA ILE D 31 -8.15 -18.48 -8.30
C ILE D 31 -6.99 -18.57 -9.29
N ILE D 32 -5.84 -17.97 -8.97
CA ILE D 32 -4.74 -17.98 -9.91
C ILE D 32 -4.17 -19.39 -10.11
N TYR D 33 -4.30 -20.26 -9.11
CA TYR D 33 -3.85 -21.65 -9.27
C TYR D 33 -4.86 -22.51 -10.02
N GLU D 34 -5.97 -21.94 -10.50
CA GLU D 34 -6.92 -22.67 -11.33
C GLU D 34 -6.93 -22.17 -12.76
N VAL D 35 -6.15 -21.15 -13.08
CA VAL D 35 -6.04 -20.68 -14.45
C VAL D 35 -4.84 -21.35 -15.10
N ASP D 36 -4.98 -21.71 -16.38
CA ASP D 36 -3.88 -22.33 -17.10
C ASP D 36 -2.73 -21.35 -17.27
N ASP D 37 -3.01 -20.20 -17.86
CA ASP D 37 -2.01 -19.15 -18.07
C ASP D 37 -2.54 -17.84 -17.50
N PRO D 38 -2.04 -17.42 -16.32
CA PRO D 38 -2.51 -16.14 -15.75
C PRO D 38 -2.16 -14.93 -16.59
N SER D 39 -1.28 -15.07 -17.60
CA SER D 39 -0.96 -14.01 -18.55
C SER D 39 -1.92 -13.96 -19.74
N LEU D 40 -2.87 -14.88 -19.83
CA LEU D 40 -3.76 -14.94 -20.98
C LEU D 40 -4.72 -13.75 -20.94
N PRO D 41 -4.86 -13.02 -22.04
CA PRO D 41 -5.72 -11.83 -22.02
C PRO D 41 -7.17 -12.15 -22.34
N ASN D 42 -8.03 -11.13 -22.35
CA ASN D 42 -9.41 -11.30 -22.77
C ASN D 42 -9.49 -11.05 -24.28
N ASP D 43 -10.66 -10.68 -24.79
CA ASP D 43 -10.86 -10.48 -26.22
C ASP D 43 -10.38 -9.12 -26.70
N GLU D 44 -9.68 -8.36 -25.85
CA GLU D 44 -9.12 -7.07 -26.25
C GLU D 44 -7.65 -6.93 -25.87
N GLY D 45 -7.01 -8.01 -25.40
CA GLY D 45 -5.62 -7.94 -24.98
C GLY D 45 -5.40 -7.54 -23.54
N ILE D 46 -6.46 -7.35 -22.77
CA ILE D 46 -6.35 -6.94 -21.37
C ILE D 46 -6.08 -8.16 -20.50
N THR D 47 -5.03 -8.08 -19.68
CA THR D 47 -4.69 -9.16 -18.77
C THR D 47 -5.03 -8.77 -17.34
N ALA D 48 -4.89 -9.75 -16.43
CA ALA D 48 -5.13 -9.50 -15.02
C ALA D 48 -4.23 -8.40 -14.48
N LEU D 49 -2.95 -8.39 -14.93
CA LEU D 49 -2.01 -7.35 -14.50
C LEU D 49 -2.45 -5.97 -14.99
N HIS D 50 -2.96 -5.90 -16.22
CA HIS D 50 -3.52 -4.65 -16.72
C HIS D 50 -4.58 -4.10 -15.78
N ASN D 51 -5.57 -4.94 -15.42
CA ASN D 51 -6.66 -4.49 -14.55
C ASN D 51 -6.13 -4.04 -13.20
N ALA D 52 -5.24 -4.82 -12.59
CA ALA D 52 -4.70 -4.46 -11.28
C ALA D 52 -3.98 -3.11 -11.34
N VAL D 53 -3.25 -2.84 -12.42
CA VAL D 53 -2.50 -1.59 -12.52
C VAL D 53 -3.44 -0.41 -12.72
N CYS D 54 -4.39 -0.55 -13.67
CA CYS D 54 -5.32 0.54 -13.94
C CYS D 54 -6.19 0.87 -12.73
N ALA D 55 -6.54 -0.13 -11.93
CA ALA D 55 -7.40 0.12 -10.77
C ALA D 55 -6.61 0.48 -9.52
N GLY D 56 -5.28 0.51 -9.60
CA GLY D 56 -4.49 0.96 -8.47
C GLY D 56 -4.33 -0.01 -7.32
N HIS D 57 -4.59 -1.30 -7.54
CA HIS D 57 -4.47 -2.29 -6.46
C HIS D 57 -3.03 -2.77 -6.41
N THR D 58 -2.21 -2.01 -5.68
CA THR D 58 -0.76 -2.22 -5.71
C THR D 58 -0.37 -3.59 -5.19
N GLU D 59 -0.99 -4.06 -4.11
CA GLU D 59 -0.63 -5.37 -3.58
C GLU D 59 -0.91 -6.47 -4.59
N ILE D 60 -1.98 -6.35 -5.37
CA ILE D 60 -2.27 -7.31 -6.42
C ILE D 60 -1.25 -7.18 -7.56
N VAL D 61 -0.86 -5.94 -7.89
CA VAL D 61 0.15 -5.73 -8.92
C VAL D 61 1.42 -6.48 -8.57
N LYS D 62 1.89 -6.31 -7.34
CA LYS D 62 3.08 -7.03 -6.88
C LYS D 62 2.87 -8.53 -6.96
N PHE D 63 1.79 -9.03 -6.33
CA PHE D 63 1.57 -10.47 -6.28
C PHE D 63 1.62 -11.09 -7.67
N LEU D 64 0.88 -10.51 -8.61
CA LEU D 64 0.88 -11.02 -9.98
C LEU D 64 2.29 -10.99 -10.58
N VAL D 65 3.01 -9.88 -10.35
CA VAL D 65 4.35 -9.77 -10.90
C VAL D 65 5.32 -10.74 -10.21
N GLN D 66 5.24 -10.85 -8.87
CA GLN D 66 6.04 -11.86 -8.18
C GLN D 66 5.69 -13.27 -8.66
N PHE D 67 4.44 -13.48 -9.10
CA PHE D 67 3.99 -14.78 -9.54
C PHE D 67 4.59 -15.17 -10.90
N GLY D 68 5.11 -14.20 -11.64
CA GLY D 68 5.72 -14.47 -12.92
C GLY D 68 4.88 -14.18 -14.14
N VAL D 69 3.79 -13.41 -13.99
CA VAL D 69 2.99 -13.07 -15.15
C VAL D 69 3.78 -12.17 -16.10
N ASN D 70 3.26 -12.04 -17.30
CA ASN D 70 3.98 -11.30 -18.35
C ASN D 70 3.89 -9.82 -18.06
N VAL D 71 4.96 -9.26 -17.48
CA VAL D 71 4.94 -7.85 -17.11
C VAL D 71 4.83 -6.93 -18.31
N ASN D 72 5.06 -7.43 -19.53
CA ASN D 72 5.06 -6.58 -20.72
C ASN D 72 3.95 -6.96 -21.70
N ALA D 73 2.93 -7.68 -21.26
CA ALA D 73 1.83 -8.06 -22.14
C ALA D 73 1.17 -6.82 -22.72
N ALA D 74 1.00 -6.80 -24.04
CA ALA D 74 0.43 -5.67 -24.76
C ALA D 74 -0.98 -6.01 -25.23
N ASP D 75 -1.87 -5.01 -25.18
CA ASP D 75 -3.25 -5.19 -25.64
C ASP D 75 -3.33 -4.95 -27.15
N SER D 76 -4.54 -4.73 -27.66
CA SER D 76 -4.71 -4.53 -29.10
C SER D 76 -4.03 -3.25 -29.57
N ASP D 77 -4.01 -2.21 -28.74
CA ASP D 77 -3.34 -0.97 -29.07
C ASP D 77 -1.86 -0.98 -28.70
N GLY D 78 -1.35 -2.08 -28.15
CA GLY D 78 0.02 -2.15 -27.71
C GLY D 78 0.27 -1.65 -26.30
N TRP D 79 -0.78 -1.40 -25.51
CA TRP D 79 -0.61 -0.88 -24.17
C TRP D 79 -0.06 -1.97 -23.25
N THR D 80 1.09 -1.70 -22.65
CA THR D 80 1.66 -2.57 -21.62
C THR D 80 1.18 -2.10 -20.25
N PRO D 81 1.34 -2.93 -19.21
CA PRO D 81 1.09 -2.44 -17.85
C PRO D 81 1.82 -1.15 -17.54
N LEU D 82 3.04 -0.97 -18.06
CA LEU D 82 3.75 0.30 -17.81
C LEU D 82 3.02 1.46 -18.46
N HIS D 83 2.51 1.27 -19.69
CA HIS D 83 1.68 2.29 -20.31
C HIS D 83 0.49 2.66 -19.43
N CYS D 84 -0.13 1.64 -18.82
CA CYS D 84 -1.26 1.88 -17.94
C CYS D 84 -0.86 2.65 -16.69
N ALA D 85 0.19 2.17 -16.00
CA ALA D 85 0.66 2.88 -14.81
C ALA D 85 0.97 4.33 -15.12
N ALA D 86 1.65 4.55 -16.26
CA ALA D 86 2.03 5.91 -16.63
C ALA D 86 0.82 6.80 -16.86
N SER D 87 -0.21 6.28 -17.55
CA SER D 87 -1.41 7.07 -17.81
C SER D 87 -2.16 7.40 -16.53
N CYS D 88 -1.94 6.65 -15.46
CA CYS D 88 -2.46 6.98 -14.14
C CYS D 88 -1.54 7.91 -13.36
N ASN D 89 -0.40 8.31 -13.93
CA ASN D 89 0.60 9.12 -13.23
C ASN D 89 1.06 8.43 -11.95
N ASN D 90 1.12 7.10 -11.98
CA ASN D 90 1.39 6.32 -10.77
C ASN D 90 2.87 5.95 -10.78
N VAL D 91 3.70 6.87 -10.26
CA VAL D 91 5.14 6.71 -10.35
C VAL D 91 5.61 5.51 -9.53
N GLN D 92 4.94 5.23 -8.41
CA GLN D 92 5.36 4.15 -7.54
C GLN D 92 5.19 2.79 -8.24
N VAL D 93 4.03 2.53 -8.82
CA VAL D 93 3.85 1.33 -9.62
C VAL D 93 4.82 1.35 -10.80
N CYS D 94 4.95 2.50 -11.47
CA CYS D 94 5.91 2.64 -12.58
C CYS D 94 7.30 2.17 -12.18
N LYS D 95 7.77 2.56 -10.99
CA LYS D 95 9.09 2.13 -10.55
C LYS D 95 9.13 0.65 -10.26
N PHE D 96 8.06 0.10 -9.68
CA PHE D 96 8.06 -1.33 -9.38
C PHE D 96 8.05 -2.16 -10.65
N LEU D 97 7.30 -1.71 -11.66
CA LEU D 97 7.31 -2.41 -12.95
C LEU D 97 8.68 -2.35 -13.60
N VAL D 98 9.32 -1.16 -13.59
CA VAL D 98 10.65 -1.03 -14.19
C VAL D 98 11.63 -1.96 -13.49
N GLU D 99 11.55 -2.04 -12.15
CA GLU D 99 12.40 -2.95 -11.41
C GLU D 99 12.02 -4.41 -11.61
N SER D 100 10.93 -4.67 -12.32
CA SER D 100 10.45 -6.03 -12.55
C SER D 100 10.49 -6.43 -14.02
N GLY D 101 11.24 -5.68 -14.83
CA GLY D 101 11.48 -6.07 -16.21
C GLY D 101 10.64 -5.37 -17.24
N ALA D 102 10.01 -4.26 -16.89
CA ALA D 102 9.19 -3.52 -17.85
C ALA D 102 10.02 -3.01 -19.01
N ALA D 103 9.50 -3.20 -20.22
CA ALA D 103 10.10 -2.65 -21.44
C ALA D 103 9.93 -1.14 -21.46
N VAL D 104 10.95 -0.42 -20.98
CA VAL D 104 10.89 1.03 -20.86
C VAL D 104 10.51 1.68 -22.19
N PHE D 105 11.14 1.25 -23.29
CA PHE D 105 10.92 1.84 -24.60
C PHE D 105 9.87 1.12 -25.41
N ALA D 106 8.98 0.35 -24.77
CA ALA D 106 7.87 -0.26 -25.48
C ALA D 106 6.94 0.83 -25.98
N MET D 107 6.54 0.72 -27.25
CA MET D 107 5.72 1.74 -27.87
C MET D 107 4.35 1.18 -28.22
N THR D 108 3.35 2.05 -28.16
CA THR D 108 2.01 1.70 -28.59
C THR D 108 1.93 1.74 -30.12
N TYR D 109 0.88 1.13 -30.66
CA TYR D 109 0.79 0.91 -32.10
C TYR D 109 0.29 2.12 -32.87
N SER D 110 -0.88 2.65 -32.49
CA SER D 110 -1.52 3.70 -33.28
C SER D 110 -0.73 5.01 -33.27
N ASP D 111 0.10 5.24 -32.25
CA ASP D 111 0.76 6.54 -32.09
C ASP D 111 2.27 6.45 -31.89
N MET D 112 2.82 5.26 -31.65
CA MET D 112 4.26 5.09 -31.42
C MET D 112 4.73 5.90 -30.21
N GLN D 113 3.99 5.77 -29.11
CA GLN D 113 4.30 6.45 -27.86
C GLN D 113 4.74 5.44 -26.81
N THR D 114 5.70 5.83 -25.98
CA THR D 114 6.12 5.01 -24.86
C THR D 114 5.27 5.34 -23.62
N ALA D 115 5.56 4.65 -22.52
CA ALA D 115 4.84 4.91 -21.28
C ALA D 115 5.05 6.35 -20.81
N ALA D 116 6.28 6.85 -20.89
CA ALA D 116 6.56 8.23 -20.50
C ALA D 116 5.65 9.20 -21.24
N ASP D 117 5.38 8.93 -22.52
CA ASP D 117 4.50 9.79 -23.29
C ASP D 117 3.03 9.69 -22.86
N LYS D 118 2.67 8.71 -22.02
CA LYS D 118 1.28 8.53 -21.63
C LYS D 118 0.91 9.27 -20.35
N CYS D 119 1.88 9.83 -19.64
CA CYS D 119 1.56 10.55 -18.41
C CYS D 119 0.61 11.72 -18.73
N GLU D 120 -0.36 11.93 -17.86
CA GLU D 120 -1.47 12.82 -18.16
C GLU D 120 -1.15 14.23 -17.68
N GLU D 121 -1.02 15.14 -18.65
CA GLU D 121 -0.62 16.52 -18.40
C GLU D 121 -1.39 17.19 -17.26
N MET D 122 -2.71 17.02 -17.24
CA MET D 122 -3.56 17.81 -16.36
C MET D 122 -3.98 17.09 -15.09
N GLU D 123 -3.46 15.91 -14.82
CA GLU D 123 -3.80 15.17 -13.61
C GLU D 123 -2.66 15.21 -12.63
N GLU D 124 -2.99 14.99 -11.35
CA GLU D 124 -1.96 15.10 -10.33
C GLU D 124 -0.96 13.95 -10.46
N GLY D 125 0.23 14.16 -9.92
CA GLY D 125 1.30 13.19 -10.04
C GLY D 125 2.01 13.22 -11.36
N TYR D 126 1.63 14.13 -12.27
CA TYR D 126 2.19 14.16 -13.61
C TYR D 126 3.69 14.47 -13.59
N THR D 127 4.11 15.43 -12.78
CA THR D 127 5.51 15.86 -12.79
C THR D 127 6.43 14.71 -12.36
N GLN D 128 6.12 14.10 -11.22
CA GLN D 128 6.99 13.06 -10.70
C GLN D 128 7.00 11.84 -11.62
N CYS D 129 5.83 11.46 -12.14
CA CYS D 129 5.76 10.24 -12.94
C CYS D 129 6.46 10.43 -14.28
N SER D 130 6.24 11.55 -14.96
CA SER D 130 6.86 11.74 -16.27
C SER D 130 8.37 11.97 -16.12
N GLN D 131 8.79 12.65 -15.06
CA GLN D 131 10.23 12.86 -14.88
C GLN D 131 10.95 11.56 -14.52
N PHE D 132 10.27 10.67 -13.79
CA PHE D 132 10.85 9.36 -13.54
C PHE D 132 11.04 8.59 -14.84
N LEU D 133 9.99 8.51 -15.65
CA LEU D 133 10.03 7.68 -16.85
C LEU D 133 10.94 8.26 -17.91
N TYR D 134 10.83 9.57 -18.16
CA TYR D 134 11.76 10.21 -19.08
C TYR D 134 13.19 10.12 -18.55
N GLY D 135 13.34 10.27 -17.22
CA GLY D 135 14.66 10.10 -16.61
C GLY D 135 15.23 8.72 -16.81
N VAL D 136 14.37 7.69 -16.73
CA VAL D 136 14.84 6.33 -16.98
C VAL D 136 15.21 6.16 -18.44
N GLN D 137 14.41 6.73 -19.34
CA GLN D 137 14.75 6.69 -20.76
C GLN D 137 16.09 7.37 -21.04
N GLU D 138 16.43 8.40 -20.26
CA GLU D 138 17.66 9.15 -20.46
C GLU D 138 18.88 8.39 -19.95
N LYS D 139 18.81 7.88 -18.73
CA LYS D 139 19.96 7.28 -18.07
C LYS D 139 20.03 5.77 -18.27
N MET D 140 19.09 5.20 -19.01
CA MET D 140 19.15 3.77 -19.32
C MET D 140 20.39 3.46 -20.16
N GLY D 141 21.21 2.52 -19.69
CA GLY D 141 22.46 2.21 -20.34
C GLY D 141 23.61 3.09 -19.90
N ILE D 142 23.37 4.02 -18.98
CA ILE D 142 24.40 4.86 -18.38
C ILE D 142 24.48 4.63 -16.88
N MET D 143 23.37 4.79 -16.17
CA MET D 143 23.31 4.46 -14.76
C MET D 143 23.57 2.97 -14.55
N ASN D 144 23.74 2.59 -13.28
CA ASN D 144 23.96 1.20 -12.88
C ASN D 144 25.14 0.60 -13.65
N LYS D 145 26.15 1.42 -13.90
CA LYS D 145 27.31 1.03 -14.68
C LYS D 145 26.90 0.57 -16.08
N GLY D 146 25.83 1.14 -16.62
CA GLY D 146 25.34 0.81 -17.94
C GLY D 146 24.78 -0.59 -18.09
N VAL D 147 24.53 -1.26 -16.98
CA VAL D 147 24.08 -2.65 -17.02
C VAL D 147 22.60 -2.69 -17.41
N ILE D 148 22.26 -3.59 -18.33
CA ILE D 148 20.93 -3.67 -18.93
C ILE D 148 20.60 -5.14 -19.15
N TYR D 149 19.32 -5.43 -19.36
CA TYR D 149 18.85 -6.80 -19.47
C TYR D 149 17.92 -6.96 -20.66
N ALA D 150 18.10 -8.07 -21.39
CA ALA D 150 17.24 -8.42 -22.51
C ALA D 150 15.92 -9.00 -21.98
N LEU D 151 14.82 -8.46 -22.47
CA LEU D 151 13.50 -8.91 -22.05
C LEU D 151 12.87 -9.90 -23.03
N TRP D 152 13.46 -10.09 -24.21
CA TRP D 152 12.97 -11.07 -25.18
C TRP D 152 14.18 -11.73 -25.83
N ASP D 153 13.92 -12.86 -26.51
CA ASP D 153 14.93 -13.43 -27.39
C ASP D 153 15.03 -12.59 -28.66
N TYR D 154 16.20 -12.65 -29.31
CA TYR D 154 16.38 -11.94 -30.58
C TYR D 154 17.45 -12.66 -31.39
N GLU D 155 17.07 -13.28 -32.50
CA GLU D 155 18.09 -13.69 -33.45
C GLU D 155 18.49 -12.49 -34.32
N PRO D 156 19.79 -12.27 -34.53
CA PRO D 156 20.22 -11.07 -35.26
C PRO D 156 19.72 -11.08 -36.69
N GLN D 157 19.40 -9.88 -37.19
CA GLN D 157 19.07 -9.68 -38.59
C GLN D 157 20.22 -9.06 -39.37
N ASN D 158 21.26 -8.59 -38.68
CA ASN D 158 22.48 -8.09 -39.30
C ASN D 158 23.68 -8.72 -38.60
N ASP D 159 24.84 -8.63 -39.25
CA ASP D 159 26.05 -9.24 -38.71
C ASP D 159 26.57 -8.52 -37.47
N ASP D 160 26.27 -7.22 -37.34
CA ASP D 160 26.72 -6.41 -36.21
C ASP D 160 25.67 -6.31 -35.11
N GLU D 161 24.80 -7.31 -34.98
CA GLU D 161 23.77 -7.33 -33.94
C GLU D 161 24.01 -8.50 -33.01
N LEU D 162 23.91 -8.24 -31.70
CA LEU D 162 24.15 -9.30 -30.73
C LEU D 162 22.95 -10.24 -30.67
N PRO D 163 23.18 -11.56 -30.63
CA PRO D 163 22.08 -12.47 -30.28
C PRO D 163 21.75 -12.33 -28.81
N MET D 164 20.46 -12.28 -28.50
CA MET D 164 19.99 -12.08 -27.15
C MET D 164 19.10 -13.23 -26.72
N LYS D 165 19.36 -13.78 -25.54
CA LYS D 165 18.41 -14.63 -24.85
C LYS D 165 17.74 -13.82 -23.75
N GLU D 166 16.45 -14.09 -23.52
CA GLU D 166 15.73 -13.41 -22.48
C GLU D 166 16.44 -13.57 -21.14
N GLY D 167 16.64 -12.46 -20.44
CA GLY D 167 17.37 -12.47 -19.20
C GLY D 167 18.85 -12.20 -19.31
N ASP D 168 19.38 -12.12 -20.53
CA ASP D 168 20.80 -11.82 -20.74
C ASP D 168 21.16 -10.49 -20.10
N CYS D 169 22.27 -10.48 -19.38
CA CYS D 169 22.78 -9.29 -18.71
C CYS D 169 23.92 -8.71 -19.56
N MET D 170 23.79 -7.45 -19.95
CA MET D 170 24.76 -6.83 -20.84
C MET D 170 25.08 -5.42 -20.38
N THR D 171 26.18 -4.88 -20.91
CA THR D 171 26.65 -3.54 -20.60
C THR D 171 26.56 -2.69 -21.86
N ILE D 172 25.97 -1.50 -21.74
CA ILE D 172 25.82 -0.57 -22.85
C ILE D 172 27.15 0.18 -22.99
N ILE D 173 27.96 -0.19 -23.98
CA ILE D 173 29.23 0.48 -24.23
C ILE D 173 29.00 1.84 -24.86
N HIS D 174 28.08 1.94 -25.81
CA HIS D 174 27.86 3.15 -26.58
C HIS D 174 26.40 3.22 -26.99
N ARG D 175 25.72 4.32 -26.68
CA ARG D 175 24.31 4.45 -27.02
C ARG D 175 24.03 5.80 -27.65
N GLU D 176 23.11 5.80 -28.62
CA GLU D 176 22.46 7.00 -29.17
C GLU D 176 23.44 8.03 -29.72
N ASP D 177 24.68 7.65 -30.00
CA ASP D 177 25.67 8.62 -30.47
C ASP D 177 26.49 8.10 -31.63
N GLU D 178 26.01 7.09 -32.36
CA GLU D 178 26.75 6.51 -33.46
C GLU D 178 25.79 6.21 -34.61
N ASP D 179 25.09 7.26 -35.07
CA ASP D 179 24.14 7.17 -36.18
C ASP D 179 23.05 6.14 -35.95
N GLU D 180 22.78 5.79 -34.69
CA GLU D 180 21.72 4.85 -34.35
C GLU D 180 21.07 5.36 -33.06
N ILE D 181 19.89 5.97 -33.19
CA ILE D 181 19.18 6.47 -32.03
C ILE D 181 18.41 5.38 -31.31
N GLU D 182 18.01 4.32 -32.02
CA GLU D 182 17.19 3.27 -31.45
C GLU D 182 17.94 1.96 -31.23
N TRP D 183 19.19 1.88 -31.67
CA TRP D 183 20.05 0.74 -31.39
C TRP D 183 21.25 1.18 -30.56
N TRP D 184 21.66 0.34 -29.62
CA TRP D 184 22.75 0.64 -28.70
C TRP D 184 23.86 -0.39 -28.84
N TRP D 185 25.10 0.09 -28.83
CA TRP D 185 26.27 -0.78 -28.87
C TRP D 185 26.51 -1.35 -27.48
N ALA D 186 26.35 -2.66 -27.32
CA ALA D 186 26.43 -3.31 -26.04
C ALA D 186 27.48 -4.41 -26.05
N ARG D 187 27.87 -4.84 -24.85
CA ARG D 187 28.72 -6.00 -24.67
C ARG D 187 27.93 -7.10 -23.97
N LEU D 188 27.95 -8.30 -24.56
CA LEU D 188 27.38 -9.50 -23.97
C LEU D 188 28.51 -10.53 -23.86
N ASN D 189 28.96 -10.77 -22.63
CA ASN D 189 30.10 -11.64 -22.34
C ASN D 189 31.33 -11.20 -23.13
N ASP D 190 31.74 -12.00 -24.12
CA ASP D 190 32.95 -11.72 -24.90
C ASP D 190 32.63 -11.20 -26.30
N LYS D 191 31.44 -10.64 -26.51
CA LYS D 191 31.06 -10.12 -27.81
C LYS D 191 30.44 -8.73 -27.66
N GLU D 192 30.54 -7.94 -28.72
CA GLU D 192 29.94 -6.62 -28.80
C GLU D 192 29.10 -6.52 -30.07
N GLY D 193 28.06 -5.70 -30.00
CA GLY D 193 27.16 -5.55 -31.13
C GLY D 193 25.98 -4.69 -30.74
N TYR D 194 25.24 -4.29 -31.77
CA TYR D 194 24.04 -3.50 -31.57
C TYR D 194 22.92 -4.35 -30.99
N VAL D 195 22.12 -3.74 -30.12
CA VAL D 195 20.92 -4.38 -29.55
C VAL D 195 19.76 -3.40 -29.72
N PRO D 196 18.54 -3.89 -29.96
CA PRO D 196 17.41 -2.96 -30.12
C PRO D 196 16.90 -2.49 -28.76
N ARG D 197 16.76 -1.17 -28.61
CA ARG D 197 16.53 -0.57 -27.31
C ARG D 197 15.17 -0.97 -26.73
N ASN D 198 14.16 -1.19 -27.59
CA ASN D 198 12.81 -1.42 -27.11
C ASN D 198 12.59 -2.83 -26.59
N LEU D 199 13.59 -3.71 -26.62
CA LEU D 199 13.48 -5.01 -25.97
C LEU D 199 14.33 -5.11 -24.72
N LEU D 200 14.80 -3.99 -24.19
CA LEU D 200 15.72 -3.97 -23.07
C LEU D 200 15.02 -3.43 -21.82
N GLY D 201 15.49 -3.86 -20.66
CA GLY D 201 14.98 -3.36 -19.40
C GLY D 201 16.10 -2.96 -18.47
N LEU D 202 15.76 -2.07 -17.52
CA LEU D 202 16.71 -1.72 -16.48
C LEU D 202 17.00 -2.91 -15.58
N TYR D 203 16.03 -3.80 -15.43
CA TYR D 203 16.14 -4.99 -14.61
C TYR D 203 15.49 -6.13 -15.36
N PRO D 204 15.80 -7.38 -15.00
CA PRO D 204 15.24 -8.52 -15.73
C PRO D 204 13.86 -8.89 -15.20
N ARG D 205 13.15 -9.70 -15.99
CA ARG D 205 11.86 -10.20 -15.54
C ARG D 205 12.03 -11.16 -14.38
N ILE D 206 10.93 -11.33 -13.64
CA ILE D 206 10.80 -12.38 -12.62
C ILE D 206 10.31 -13.64 -13.32
N LYS D 207 10.94 -14.78 -13.03
CA LYS D 207 10.68 -15.99 -13.80
C LYS D 207 9.43 -16.71 -13.27
N PRO D 208 8.47 -17.06 -14.14
CA PRO D 208 7.25 -17.80 -13.77
C PRO D 208 7.50 -19.25 -13.37
#